data_5FSH
#
_entry.id   5FSH
#
_cell.length_a   95.309
_cell.length_b   207.070
_cell.length_c   58.903
_cell.angle_alpha   90.00
_cell.angle_beta   90.00
_cell.angle_gamma   90.00
#
_symmetry.space_group_name_H-M   'P 21 21 2'
#
loop_
_entity.id
_entity.type
_entity.pdbx_description
1 polymer CSM6
2 non-polymer 'NICKEL (II) ION'
3 water water
#
_entity_poly.entity_id   1
_entity_poly.type   'polypeptide(L)'
_entity_poly.pdbx_seq_one_letter_code
;SNAMEDLDALWERYREAVRAGGNPQALYQEMVWPALLALWREKPRVYPFPQAFAVSVHTLGTSPEATALAILGAGAERVY
VLHTPESARFLPRLRQDTGKDLYPVEIGKSDVEAIYREVKRLLEKHPEVPVALDLTSGTKAMSAGLAAAGFFFQRFYPKV
RVVYVDNEDYDPELRRPRAGTEKLRILPNPHEALAEVDALFAKELYGKGEFGQAAAYFRGMVGRTGNQAYALYALLAEMY
RAWRALDFGEALKAGRKLLGQLSQNVWLNHPLNARREALEAQVALLEAVDRFLKARDFALKEGVYGLARTLLHLAQEAKE
EAAVLAALYAYRALELLLQERLALLGRRAEAPGLSPEEAEALRKALAELLGVLPEEVRLPAKLGLLDLLAFLRLKGDEAL
GRLSLAELRGLAGALKGRNSALLVHGFDVPSPKAVEGIARLAQGLLQDLEARTALGPLSPEPVPLGF
;
_entity_poly.pdbx_strand_id   A,B
#
loop_
_chem_comp.id
_chem_comp.type
_chem_comp.name
_chem_comp.formula
NI non-polymer 'NICKEL (II) ION' 'Ni 2'
#
# COMPACT_ATOMS: atom_id res chain seq x y z
N SER A 1 -42.42 -12.70 -27.07
CA SER A 1 -41.45 -11.65 -27.34
C SER A 1 -41.36 -11.45 -28.84
N ASN A 2 -42.29 -10.65 -29.39
CA ASN A 2 -42.42 -10.60 -30.84
C ASN A 2 -41.16 -10.05 -31.50
N ALA A 3 -40.60 -8.95 -30.98
CA ALA A 3 -39.40 -8.38 -31.59
C ALA A 3 -38.29 -9.43 -31.81
N MET A 4 -38.00 -10.23 -30.79
CA MET A 4 -37.04 -11.33 -30.95
C MET A 4 -37.48 -12.26 -32.07
N GLU A 5 -38.76 -12.60 -32.13
CA GLU A 5 -39.26 -13.58 -33.08
C GLU A 5 -39.22 -13.04 -34.51
N ASP A 6 -39.94 -11.93 -34.80
CA ASP A 6 -39.86 -11.36 -36.14
C ASP A 6 -38.39 -11.08 -36.53
N LEU A 7 -37.47 -10.92 -35.56
CA LEU A 7 -36.04 -10.77 -35.89
C LEU A 7 -35.41 -12.09 -36.37
N ASP A 8 -35.65 -13.20 -35.66
CA ASP A 8 -35.15 -14.49 -36.13
C ASP A 8 -35.69 -14.81 -37.52
N ALA A 9 -36.99 -14.55 -37.73
CA ALA A 9 -37.56 -14.71 -39.08
C ALA A 9 -36.80 -13.87 -40.09
N LEU A 10 -36.45 -12.64 -39.73
CA LEU A 10 -35.66 -11.81 -40.65
C LEU A 10 -34.27 -12.38 -40.87
N TRP A 11 -33.71 -13.10 -39.90
CA TRP A 11 -32.39 -13.70 -40.12
C TRP A 11 -32.47 -14.84 -41.13
N GLU A 12 -33.50 -15.69 -41.02
CA GLU A 12 -33.64 -16.78 -41.99
C GLU A 12 -33.96 -16.26 -43.40
N ARG A 13 -34.83 -15.26 -43.49
CA ARG A 13 -35.08 -14.61 -44.77
C ARG A 13 -33.79 -14.07 -45.36
N TYR A 14 -32.95 -13.46 -44.52
CA TYR A 14 -31.61 -13.04 -44.92
C TYR A 14 -30.78 -14.21 -45.45
N ARG A 15 -30.83 -15.36 -44.76
CA ARG A 15 -30.10 -16.53 -45.23
C ARG A 15 -30.48 -16.88 -46.66
N GLU A 16 -31.79 -16.89 -46.93
CA GLU A 16 -32.24 -17.24 -48.28
C GLU A 16 -31.89 -16.15 -49.28
N ALA A 17 -31.83 -14.89 -48.86
CA ALA A 17 -31.46 -13.81 -49.77
C ALA A 17 -29.99 -13.89 -50.15
N VAL A 18 -29.13 -14.36 -49.25
CA VAL A 18 -27.72 -14.50 -49.60
C VAL A 18 -27.45 -15.83 -50.29
N ARG A 19 -28.22 -16.87 -49.96
CA ARG A 19 -28.15 -18.13 -50.68
C ARG A 19 -28.51 -17.91 -52.15
N ALA A 20 -29.49 -17.03 -52.40
CA ALA A 20 -29.80 -16.66 -53.78
C ALA A 20 -28.67 -15.87 -54.42
N GLY A 21 -27.89 -15.14 -53.62
CA GLY A 21 -26.77 -14.39 -54.15
C GLY A 21 -27.06 -12.92 -54.37
N GLY A 22 -27.25 -12.17 -53.29
CA GLY A 22 -27.20 -10.72 -53.31
C GLY A 22 -26.01 -10.27 -52.49
N ASN A 23 -25.62 -9.01 -52.65
CA ASN A 23 -24.50 -8.53 -51.84
C ASN A 23 -24.95 -8.46 -50.39
N PRO A 24 -24.37 -9.26 -49.48
CA PRO A 24 -24.96 -9.40 -48.14
C PRO A 24 -24.80 -8.17 -47.26
N GLN A 25 -23.98 -7.19 -47.65
CA GLN A 25 -23.84 -5.98 -46.84
C GLN A 25 -25.15 -5.18 -46.83
N ALA A 26 -25.65 -4.83 -48.01
CA ALA A 26 -26.91 -4.09 -48.10
C ALA A 26 -28.08 -4.94 -47.60
N LEU A 27 -28.08 -6.24 -47.89
CA LEU A 27 -29.12 -7.13 -47.38
C LEU A 27 -29.14 -7.14 -45.86
N TYR A 28 -27.96 -7.03 -45.23
CA TYR A 28 -27.93 -6.86 -43.77
C TYR A 28 -28.45 -5.49 -43.37
N GLN A 29 -28.03 -4.44 -44.07
CA GLN A 29 -28.42 -3.09 -43.68
C GLN A 29 -29.93 -2.89 -43.75
N GLU A 30 -30.60 -3.53 -44.71
CA GLU A 30 -32.04 -3.36 -44.87
C GLU A 30 -32.85 -4.43 -44.17
N MET A 31 -32.35 -5.67 -44.14
CA MET A 31 -33.16 -6.79 -43.65
C MET A 31 -33.04 -6.97 -42.15
N VAL A 32 -31.85 -6.80 -41.59
CA VAL A 32 -31.52 -7.27 -40.26
C VAL A 32 -31.32 -6.11 -39.28
N TRP A 33 -30.54 -5.11 -39.66
CA TRP A 33 -30.12 -4.10 -38.69
C TRP A 33 -31.28 -3.40 -37.96
N PRO A 34 -32.38 -3.01 -38.61
CA PRO A 34 -33.47 -2.38 -37.83
C PRO A 34 -34.14 -3.32 -36.84
N ALA A 35 -34.23 -4.62 -37.13
CA ALA A 35 -34.83 -5.54 -36.18
C ALA A 35 -33.90 -5.79 -34.99
N LEU A 36 -32.59 -5.92 -35.23
CA LEU A 36 -31.62 -6.03 -34.14
C LEU A 36 -31.63 -4.78 -33.27
N LEU A 37 -31.57 -3.61 -33.91
CA LEU A 37 -31.70 -2.34 -33.20
C LEU A 37 -32.97 -2.33 -32.35
N ALA A 38 -34.07 -2.86 -32.89
CA ALA A 38 -35.32 -2.90 -32.14
C ALA A 38 -35.22 -3.80 -30.92
N LEU A 39 -34.64 -5.00 -31.11
CA LEU A 39 -34.44 -5.92 -30.00
C LEU A 39 -33.62 -5.29 -28.89
N TRP A 40 -32.58 -4.52 -29.24
CA TRP A 40 -31.76 -3.89 -28.22
C TRP A 40 -32.41 -2.65 -27.62
N ARG A 41 -33.25 -1.96 -28.40
CA ARG A 41 -34.06 -0.87 -27.85
C ARG A 41 -35.00 -1.38 -26.77
N GLU A 42 -35.76 -2.44 -27.07
CA GLU A 42 -36.77 -2.90 -26.12
C GLU A 42 -36.13 -3.50 -24.88
N LYS A 43 -35.09 -4.31 -25.07
CA LYS A 43 -34.54 -5.14 -23.99
C LYS A 43 -33.06 -5.37 -24.21
N PRO A 44 -32.21 -4.49 -23.67
CA PRO A 44 -30.76 -4.65 -23.86
C PRO A 44 -30.25 -5.93 -23.21
N ARG A 45 -29.41 -6.67 -23.94
CA ARG A 45 -28.88 -7.96 -23.50
C ARG A 45 -27.49 -7.76 -22.90
N VAL A 46 -27.38 -7.94 -21.58
CA VAL A 46 -26.17 -7.66 -20.82
C VAL A 46 -25.78 -8.91 -20.02
N TYR A 47 -24.47 -9.10 -19.86
CA TYR A 47 -23.94 -10.25 -19.11
C TYR A 47 -22.58 -9.92 -18.47
N PRO A 48 -22.17 -10.69 -17.44
CA PRO A 48 -22.82 -11.81 -16.77
C PRO A 48 -23.97 -11.42 -15.85
N PHE A 49 -23.82 -10.31 -15.12
CA PHE A 49 -24.85 -9.85 -14.22
C PHE A 49 -25.25 -8.42 -14.58
N PRO A 50 -26.55 -8.12 -14.64
CA PRO A 50 -26.98 -6.78 -15.08
C PRO A 50 -26.46 -5.69 -14.16
N GLN A 51 -26.16 -4.54 -14.75
CA GLN A 51 -25.57 -3.43 -14.03
C GLN A 51 -26.21 -2.12 -14.47
N ALA A 52 -26.19 -1.13 -13.58
CA ALA A 52 -26.59 0.23 -13.93
C ALA A 52 -25.34 1.10 -14.02
N PHE A 53 -25.25 1.86 -15.11
CA PHE A 53 -24.13 2.75 -15.38
C PHE A 53 -24.64 4.18 -15.51
N ALA A 54 -23.94 5.11 -14.86
CA ALA A 54 -24.25 6.52 -15.02
C ALA A 54 -23.56 7.11 -16.24
N VAL A 55 -22.35 6.64 -16.54
CA VAL A 55 -21.54 7.15 -17.64
C VAL A 55 -21.04 5.97 -18.47
N SER A 56 -21.03 6.14 -19.78
CA SER A 56 -20.38 5.18 -20.66
C SER A 56 -19.51 5.92 -21.64
N VAL A 57 -18.33 5.37 -21.92
CA VAL A 57 -17.35 5.91 -22.85
C VAL A 57 -17.10 4.87 -23.94
N HIS A 58 -17.06 5.33 -25.18
CA HIS A 58 -17.05 4.42 -26.33
C HIS A 58 -15.98 4.85 -27.32
N THR A 59 -15.03 3.97 -27.61
CA THR A 59 -14.16 4.16 -28.76
C THR A 59 -14.95 3.87 -30.03
N LEU A 60 -14.61 4.58 -31.10
CA LEU A 60 -15.38 4.48 -32.35
C LEU A 60 -14.44 4.42 -33.54
N GLY A 61 -14.61 3.39 -34.37
CA GLY A 61 -13.83 3.27 -35.59
C GLY A 61 -14.70 3.09 -36.81
N THR A 62 -14.63 1.91 -37.42
CA THR A 62 -15.28 1.71 -38.71
C THR A 62 -16.74 1.32 -38.58
N SER A 63 -17.11 0.63 -37.50
CA SER A 63 -18.41 -0.01 -37.36
C SER A 63 -19.29 0.74 -36.38
N PRO A 64 -20.18 1.63 -36.85
CA PRO A 64 -21.06 2.33 -35.91
C PRO A 64 -22.09 1.44 -35.25
N GLU A 65 -22.48 0.35 -35.90
CA GLU A 65 -23.60 -0.46 -35.41
C GLU A 65 -23.30 -1.04 -34.03
N ALA A 66 -22.15 -1.71 -33.89
CA ALA A 66 -21.78 -2.33 -32.63
C ALA A 66 -21.69 -1.30 -31.50
N THR A 67 -21.18 -0.11 -31.80
CA THR A 67 -21.17 0.95 -30.80
C THR A 67 -22.58 1.35 -30.38
N ALA A 68 -23.51 1.46 -31.34
CA ALA A 68 -24.90 1.75 -30.99
C ALA A 68 -25.43 0.70 -30.02
N LEU A 69 -25.23 -0.58 -30.33
CA LEU A 69 -25.66 -1.64 -29.42
C LEU A 69 -25.03 -1.46 -28.04
N ALA A 70 -23.74 -1.11 -27.99
CA ALA A 70 -23.06 -0.97 -26.70
C ALA A 70 -23.64 0.19 -25.89
N ILE A 71 -23.94 1.32 -26.55
CA ILE A 71 -24.59 2.42 -25.86
C ILE A 71 -25.91 1.96 -25.26
N LEU A 72 -26.74 1.31 -26.07
CA LEU A 72 -28.05 0.88 -25.60
C LEU A 72 -27.94 -0.14 -24.47
N GLY A 73 -26.96 -1.03 -24.53
CA GLY A 73 -26.75 -2.03 -23.50
C GLY A 73 -26.21 -1.49 -22.18
N ALA A 74 -25.30 -0.52 -22.23
CA ALA A 74 -24.82 0.05 -20.96
C ALA A 74 -25.89 0.93 -20.31
N GLY A 75 -26.72 1.58 -21.12
CA GLY A 75 -27.85 2.35 -20.60
C GLY A 75 -27.47 3.51 -19.70
N ALA A 76 -26.41 4.23 -20.04
CA ALA A 76 -25.97 5.36 -19.23
C ALA A 76 -26.68 6.64 -19.66
N GLU A 77 -26.90 7.53 -18.68
CA GLU A 77 -27.44 8.85 -18.97
C GLU A 77 -26.47 9.67 -19.80
N ARG A 78 -25.21 9.71 -19.39
CA ARG A 78 -24.18 10.50 -20.05
C ARG A 78 -23.30 9.59 -20.89
N VAL A 79 -23.10 9.96 -22.15
CA VAL A 79 -22.40 9.11 -23.11
C VAL A 79 -21.32 9.91 -23.81
N TYR A 80 -20.08 9.41 -23.79
CA TYR A 80 -18.96 10.00 -24.50
C TYR A 80 -18.54 9.06 -25.62
N VAL A 81 -18.17 9.63 -26.76
CA VAL A 81 -17.77 8.86 -27.93
C VAL A 81 -16.37 9.34 -28.33
N LEU A 82 -15.36 8.53 -28.04
CA LEU A 82 -13.99 8.81 -28.43
C LEU A 82 -13.79 8.28 -29.84
N HIS A 83 -13.74 9.18 -30.82
CA HIS A 83 -13.82 8.79 -32.23
C HIS A 83 -12.63 9.29 -33.00
N THR A 84 -12.27 8.52 -34.03
CA THR A 84 -11.27 8.96 -34.99
C THR A 84 -11.84 10.09 -35.83
N PRO A 85 -10.98 10.93 -36.42
CA PRO A 85 -11.51 11.98 -37.31
C PRO A 85 -12.39 11.44 -38.43
N GLU A 86 -12.02 10.31 -39.04
CA GLU A 86 -12.81 9.80 -40.15
C GLU A 86 -14.22 9.41 -39.71
N SER A 87 -14.36 8.87 -38.52
CA SER A 87 -15.64 8.32 -38.11
C SER A 87 -16.61 9.37 -37.52
N ALA A 88 -16.21 10.64 -37.48
CA ALA A 88 -17.14 11.68 -37.01
C ALA A 88 -18.42 11.69 -37.84
N ARG A 89 -18.32 11.44 -39.15
CA ARG A 89 -19.50 11.39 -40.01
C ARG A 89 -20.52 10.36 -39.54
N PHE A 90 -20.10 9.39 -38.71
CA PHE A 90 -21.01 8.37 -38.22
C PHE A 90 -21.85 8.84 -37.04
N LEU A 91 -21.54 9.99 -36.44
CA LEU A 91 -22.14 10.39 -35.17
C LEU A 91 -23.62 10.78 -35.25
N PRO A 92 -24.07 11.46 -36.31
CA PRO A 92 -25.52 11.69 -36.43
C PRO A 92 -26.32 10.40 -36.48
N ARG A 93 -25.90 9.46 -37.33
CA ARG A 93 -26.55 8.15 -37.37
C ARG A 93 -26.44 7.46 -36.00
N LEU A 94 -25.26 7.49 -35.40
CA LEU A 94 -25.12 6.99 -34.03
C LEU A 94 -26.12 7.65 -33.10
N ARG A 95 -26.31 8.97 -33.26
CA ARG A 95 -27.27 9.70 -32.43
C ARG A 95 -28.70 9.26 -32.73
N GLN A 96 -28.97 8.90 -33.99
CA GLN A 96 -30.32 8.55 -34.40
C GLN A 96 -30.67 7.10 -34.07
N ASP A 97 -29.77 6.15 -34.32
CA ASP A 97 -30.07 4.75 -33.97
C ASP A 97 -30.23 4.58 -32.47
N THR A 98 -29.60 5.45 -31.69
CA THR A 98 -29.48 5.34 -30.24
C THR A 98 -30.45 6.23 -29.48
N GLY A 99 -30.69 7.45 -29.96
CA GLY A 99 -31.59 8.36 -29.26
C GLY A 99 -31.00 8.93 -27.99
N LYS A 100 -29.68 8.98 -27.91
CA LYS A 100 -29.01 9.62 -26.79
C LYS A 100 -28.30 10.87 -27.27
N ASP A 101 -28.16 11.82 -26.35
CA ASP A 101 -27.25 12.94 -26.56
C ASP A 101 -25.82 12.44 -26.41
N LEU A 102 -25.01 12.61 -27.45
CA LEU A 102 -23.64 12.11 -27.46
C LEU A 102 -22.67 13.26 -27.22
N TYR A 103 -21.61 12.98 -26.46
CA TYR A 103 -20.53 13.95 -26.32
C TYR A 103 -19.33 13.45 -27.12
N PRO A 104 -19.13 13.96 -28.34
CA PRO A 104 -18.01 13.47 -29.15
C PRO A 104 -16.68 14.06 -28.70
N VAL A 105 -15.64 13.26 -28.78
CA VAL A 105 -14.28 13.67 -28.48
C VAL A 105 -13.37 13.05 -29.54
N GLU A 106 -12.65 13.89 -30.28
CA GLU A 106 -11.83 13.41 -31.40
C GLU A 106 -10.47 12.90 -30.92
N ILE A 107 -10.06 11.76 -31.47
CA ILE A 107 -8.81 11.10 -31.10
C ILE A 107 -8.19 10.47 -32.35
N GLY A 108 -6.89 10.66 -32.53
CA GLY A 108 -6.21 10.01 -33.63
C GLY A 108 -6.23 8.49 -33.50
N LYS A 109 -6.13 7.82 -34.66
CA LYS A 109 -6.26 6.37 -34.69
C LYS A 109 -5.12 5.66 -33.96
N SER A 110 -3.93 6.27 -33.85
CA SER A 110 -2.82 5.66 -33.14
C SER A 110 -2.53 6.34 -31.81
N ASP A 111 -3.34 7.32 -31.40
CA ASP A 111 -3.01 8.17 -30.26
C ASP A 111 -3.50 7.51 -28.98
N VAL A 112 -2.70 6.57 -28.48
CA VAL A 112 -3.05 5.88 -27.24
C VAL A 112 -2.94 6.84 -26.06
N GLU A 113 -1.91 7.67 -26.07
CA GLU A 113 -1.73 8.66 -25.01
C GLU A 113 -2.99 9.50 -24.82
N ALA A 114 -3.63 9.89 -25.94
CA ALA A 114 -4.85 10.69 -25.85
C ALA A 114 -6.00 9.89 -25.26
N ILE A 115 -6.08 8.59 -25.57
CA ILE A 115 -7.06 7.72 -24.90
C ILE A 115 -6.88 7.77 -23.40
N TYR A 116 -5.63 7.58 -22.94
CA TYR A 116 -5.35 7.61 -21.51
C TYR A 116 -5.75 8.95 -20.89
N ARG A 117 -5.35 10.05 -21.53
CA ARG A 117 -5.68 11.40 -21.05
C ARG A 117 -7.19 11.60 -20.98
N GLU A 118 -7.92 11.19 -22.01
CA GLU A 118 -9.37 11.38 -22.02
C GLU A 118 -10.04 10.57 -20.92
N VAL A 119 -9.60 9.32 -20.71
CA VAL A 119 -10.18 8.53 -19.63
C VAL A 119 -9.91 9.19 -18.28
N LYS A 120 -8.67 9.67 -18.07
CA LYS A 120 -8.32 10.31 -16.80
C LYS A 120 -9.19 11.53 -16.54
N ARG A 121 -9.30 12.42 -17.54
CA ARG A 121 -10.16 13.59 -17.44
C ARG A 121 -11.61 13.21 -17.17
N LEU A 122 -12.10 12.17 -17.84
CA LEU A 122 -13.50 11.79 -17.70
C LEU A 122 -13.80 11.20 -16.34
N LEU A 123 -12.82 10.49 -15.76
CA LEU A 123 -13.02 9.93 -14.42
C LEU A 123 -12.89 10.99 -13.35
N GLU A 124 -11.98 11.95 -13.54
CA GLU A 124 -11.97 13.12 -12.67
C GLU A 124 -13.29 13.86 -12.73
N LYS A 125 -13.95 13.81 -13.89
CA LYS A 125 -15.25 14.48 -14.02
C LYS A 125 -16.36 13.68 -13.34
N HIS A 126 -16.26 12.35 -13.34
CA HIS A 126 -17.30 11.47 -12.82
C HIS A 126 -16.69 10.49 -11.83
N PRO A 127 -16.33 10.95 -10.63
CA PRO A 127 -15.46 10.16 -9.74
C PRO A 127 -16.14 9.19 -8.79
N GLU A 128 -17.47 9.19 -8.69
CA GLU A 128 -18.15 8.36 -7.70
C GLU A 128 -19.33 7.56 -8.26
N VAL A 129 -19.43 7.44 -9.58
CA VAL A 129 -20.55 6.75 -10.20
C VAL A 129 -20.01 5.63 -11.06
N PRO A 130 -20.82 4.61 -11.33
CA PRO A 130 -20.36 3.50 -12.19
C PRO A 130 -20.15 4.00 -13.61
N VAL A 131 -19.00 3.66 -14.18
CA VAL A 131 -18.60 4.11 -15.51
C VAL A 131 -18.24 2.89 -16.35
N ALA A 132 -18.76 2.83 -17.57
CA ALA A 132 -18.49 1.72 -18.49
C ALA A 132 -17.59 2.18 -19.62
N LEU A 133 -16.47 1.49 -19.82
CA LEU A 133 -15.53 1.80 -20.89
C LEU A 133 -15.67 0.73 -21.97
N ASP A 134 -16.27 1.10 -23.09
CA ASP A 134 -16.62 0.18 -24.17
C ASP A 134 -15.56 0.23 -25.27
N LEU A 135 -14.84 -0.89 -25.44
CA LEU A 135 -13.75 -0.99 -26.39
C LEU A 135 -14.17 -1.61 -27.73
N THR A 136 -15.47 -1.81 -27.96
CA THR A 136 -15.92 -2.64 -29.08
C THR A 136 -15.37 -2.16 -30.43
N SER A 137 -15.46 -0.85 -30.70
CA SER A 137 -15.07 -0.30 -31.99
C SER A 137 -13.76 0.48 -31.88
N GLY A 138 -12.96 0.45 -32.94
CA GLY A 138 -11.68 1.14 -32.95
C GLY A 138 -10.52 0.27 -33.39
N THR A 139 -9.34 0.87 -33.58
CA THR A 139 -8.14 0.11 -33.86
C THR A 139 -7.70 -0.67 -32.62
N LYS A 140 -6.86 -1.69 -32.85
CA LYS A 140 -6.36 -2.48 -31.72
C LYS A 140 -5.73 -1.58 -30.67
N ALA A 141 -5.03 -0.54 -31.11
CA ALA A 141 -4.36 0.35 -30.16
C ALA A 141 -5.37 1.14 -29.34
N MET A 142 -6.46 1.60 -29.97
CA MET A 142 -7.48 2.34 -29.24
C MET A 142 -8.19 1.45 -28.23
N SER A 143 -8.59 0.24 -28.64
CA SER A 143 -9.34 -0.65 -27.76
C SER A 143 -8.47 -1.14 -26.61
N ALA A 144 -7.26 -1.62 -26.91
CA ALA A 144 -6.35 -2.08 -25.87
C ALA A 144 -5.98 -0.95 -24.94
N GLY A 145 -5.79 0.26 -25.49
CA GLY A 145 -5.55 1.41 -24.64
C GLY A 145 -6.71 1.71 -23.70
N LEU A 146 -7.95 1.58 -24.20
CA LEU A 146 -9.10 1.83 -23.34
C LEU A 146 -9.19 0.78 -22.23
N ALA A 147 -8.97 -0.49 -22.57
CA ALA A 147 -9.02 -1.54 -21.54
C ALA A 147 -7.93 -1.33 -20.51
N ALA A 148 -6.71 -1.02 -20.96
CA ALA A 148 -5.60 -0.79 -20.04
C ALA A 148 -5.87 0.42 -19.15
N ALA A 149 -6.43 1.49 -19.71
CA ALA A 149 -6.82 2.63 -18.89
C ALA A 149 -7.84 2.23 -17.85
N GLY A 150 -8.89 1.53 -18.25
CA GLY A 150 -9.92 1.15 -17.31
C GLY A 150 -9.39 0.33 -16.16
N PHE A 151 -8.59 -0.70 -16.46
CA PHE A 151 -8.11 -1.57 -15.41
C PHE A 151 -7.09 -0.85 -14.53
N PHE A 152 -6.27 0.00 -15.12
CA PHE A 152 -5.33 0.75 -14.31
C PHE A 152 -6.08 1.70 -13.36
N PHE A 153 -7.06 2.43 -13.88
CA PHE A 153 -7.76 3.43 -13.08
C PHE A 153 -8.79 2.85 -12.13
N GLN A 154 -9.09 1.55 -12.25
CA GLN A 154 -9.95 0.90 -11.26
C GLN A 154 -9.35 0.98 -9.86
N ARG A 155 -8.03 1.09 -9.77
CA ARG A 155 -7.38 1.21 -8.47
C ARG A 155 -7.85 2.45 -7.71
N PHE A 156 -8.14 3.54 -8.44
CA PHE A 156 -8.60 4.78 -7.83
C PHE A 156 -10.05 5.09 -8.10
N TYR A 157 -10.68 4.42 -9.07
CA TYR A 157 -12.10 4.59 -9.39
C TYR A 157 -12.70 3.19 -9.50
N PRO A 158 -13.06 2.57 -8.38
CA PRO A 158 -13.42 1.14 -8.39
C PRO A 158 -14.76 0.84 -9.04
N LYS A 159 -15.53 1.86 -9.42
CA LYS A 159 -16.79 1.66 -10.11
C LYS A 159 -16.64 1.64 -11.63
N VAL A 160 -15.43 1.90 -12.14
CA VAL A 160 -15.15 1.68 -13.55
C VAL A 160 -15.27 0.20 -13.90
N ARG A 161 -15.91 -0.09 -15.03
CA ARG A 161 -15.93 -1.42 -15.62
C ARG A 161 -15.57 -1.27 -17.09
N VAL A 162 -14.93 -2.31 -17.64
CA VAL A 162 -14.59 -2.40 -19.05
C VAL A 162 -15.57 -3.36 -19.69
N VAL A 163 -16.18 -2.96 -20.81
CA VAL A 163 -17.21 -3.77 -21.46
C VAL A 163 -16.89 -3.87 -22.95
N TYR A 164 -17.57 -4.78 -23.63
CA TYR A 164 -17.46 -4.94 -25.08
C TYR A 164 -18.64 -5.77 -25.59
N VAL A 165 -18.95 -5.61 -26.87
CA VAL A 165 -20.02 -6.38 -27.50
C VAL A 165 -19.42 -7.67 -28.04
N ASP A 166 -19.69 -8.77 -27.36
CA ASP A 166 -19.28 -10.10 -27.78
C ASP A 166 -20.22 -10.56 -28.89
N ASN A 167 -19.69 -10.73 -30.09
CA ASN A 167 -20.40 -11.30 -31.22
C ASN A 167 -19.81 -12.68 -31.55
N GLU A 168 -20.68 -13.67 -31.73
CA GLU A 168 -20.28 -15.03 -32.06
C GLU A 168 -20.63 -15.34 -33.52
N ASP A 169 -19.62 -15.75 -34.30
CA ASP A 169 -19.77 -15.99 -35.73
C ASP A 169 -20.26 -17.42 -35.97
N TYR A 170 -21.39 -17.55 -36.67
CA TYR A 170 -22.00 -18.85 -36.97
C TYR A 170 -22.51 -18.97 -38.42
N GLU A 173 -20.78 -20.37 -44.20
CA GLU A 173 -22.05 -20.19 -44.91
C GLU A 173 -22.42 -18.71 -44.90
N LEU A 174 -23.02 -18.25 -43.80
CA LEU A 174 -23.13 -16.83 -43.51
C LEU A 174 -21.95 -16.47 -42.61
N ARG A 175 -20.89 -15.93 -43.22
CA ARG A 175 -19.68 -15.55 -42.49
C ARG A 175 -19.93 -14.22 -41.79
N ARG A 176 -20.76 -14.29 -40.75
CA ARG A 176 -21.23 -13.10 -40.03
C ARG A 176 -21.76 -13.54 -38.68
N PRO A 177 -21.73 -12.66 -37.68
CA PRO A 177 -22.36 -13.00 -36.39
C PRO A 177 -23.87 -13.18 -36.55
N ARG A 178 -24.41 -14.18 -35.86
CA ARG A 178 -25.83 -14.45 -35.90
C ARG A 178 -26.61 -13.34 -35.20
N ALA A 179 -27.83 -13.08 -35.69
CA ALA A 179 -28.52 -11.83 -35.41
C ALA A 179 -28.75 -11.59 -33.92
N GLY A 180 -29.36 -12.53 -33.22
CA GLY A 180 -29.66 -12.19 -31.85
C GLY A 180 -28.63 -12.58 -30.81
N THR A 181 -27.38 -12.85 -31.18
CA THR A 181 -26.45 -13.47 -30.24
C THR A 181 -25.46 -12.50 -29.62
N GLU A 182 -25.35 -11.28 -30.14
CA GLU A 182 -24.45 -10.30 -29.55
C GLU A 182 -24.87 -10.00 -28.12
N LYS A 183 -23.88 -9.86 -27.24
CA LYS A 183 -24.15 -9.61 -25.84
C LYS A 183 -23.10 -8.64 -25.31
N LEU A 184 -23.54 -7.66 -24.55
CA LEU A 184 -22.61 -6.75 -23.89
C LEU A 184 -22.02 -7.46 -22.68
N ARG A 185 -20.70 -7.62 -22.64
CA ARG A 185 -20.03 -8.30 -21.55
C ARG A 185 -19.05 -7.37 -20.84
N ILE A 186 -18.82 -7.68 -19.57
CA ILE A 186 -17.77 -7.06 -18.78
C ILE A 186 -16.49 -7.86 -18.98
N LEU A 187 -15.43 -7.18 -19.39
CA LEU A 187 -14.12 -7.80 -19.46
C LEU A 187 -13.55 -7.89 -18.05
N PRO A 188 -13.28 -9.09 -17.52
CA PRO A 188 -12.83 -9.19 -16.13
C PRO A 188 -11.43 -8.63 -15.93
N ASN A 189 -11.24 -7.95 -14.79
CA ASN A 189 -9.93 -7.48 -14.39
C ASN A 189 -9.01 -8.68 -14.13
N PRO A 190 -7.77 -8.63 -14.58
CA PRO A 190 -6.85 -9.75 -14.32
C PRO A 190 -6.69 -10.10 -12.85
N HIS A 191 -6.71 -9.11 -11.94
CA HIS A 191 -6.70 -9.41 -10.51
C HIS A 191 -7.93 -10.21 -10.11
N GLU A 192 -9.10 -9.83 -10.63
CA GLU A 192 -10.33 -10.57 -10.33
C GLU A 192 -10.26 -12.00 -10.84
N ALA A 193 -9.79 -12.18 -12.08
CA ALA A 193 -9.96 -13.46 -12.76
C ALA A 193 -8.90 -14.50 -12.36
N LEU A 194 -7.75 -14.07 -11.88
CA LEU A 194 -6.68 -14.98 -11.45
C LEU A 194 -6.63 -14.99 -9.92
N ALA A 195 -7.09 -16.07 -9.31
CA ALA A 195 -7.03 -16.18 -7.85
C ALA A 195 -5.60 -16.08 -7.36
N GLU A 196 -4.76 -17.02 -7.81
CA GLU A 196 -3.43 -17.20 -7.24
C GLU A 196 -2.56 -15.96 -7.32
N VAL A 197 -2.88 -14.99 -8.18
CA VAL A 197 -2.02 -13.80 -8.26
C VAL A 197 -2.00 -13.03 -6.95
N ASP A 198 -2.98 -13.26 -6.07
CA ASP A 198 -2.90 -12.62 -4.76
C ASP A 198 -1.57 -12.94 -4.08
N ALA A 199 -1.05 -14.14 -4.30
CA ALA A 199 0.25 -14.52 -3.76
C ALA A 199 1.34 -13.54 -4.16
N LEU A 200 1.34 -13.11 -5.43
CA LEU A 200 2.31 -12.10 -5.86
C LEU A 200 2.22 -10.86 -4.97
N PHE A 201 1.01 -10.32 -4.84
CA PHE A 201 0.80 -9.17 -3.96
C PHE A 201 1.34 -9.47 -2.57
N ALA A 202 0.99 -10.65 -2.04
CA ALA A 202 1.40 -11.00 -0.70
C ALA A 202 2.92 -11.00 -0.60
N LYS A 203 3.57 -11.65 -1.57
CA LYS A 203 5.03 -11.69 -1.58
C LYS A 203 5.58 -10.27 -1.57
N GLU A 204 5.03 -9.41 -2.41
CA GLU A 204 5.50 -8.03 -2.48
C GLU A 204 5.42 -7.40 -1.09
N LEU A 205 4.25 -7.52 -0.45
CA LEU A 205 4.07 -6.88 0.85
C LEU A 205 4.98 -7.50 1.91
N TYR A 206 5.29 -8.80 1.75
CA TYR A 206 6.19 -9.46 2.69
C TYR A 206 7.60 -8.91 2.57
N GLY A 207 8.03 -8.55 1.35
CA GLY A 207 9.37 -8.04 1.18
C GLY A 207 9.58 -6.67 1.78
N LYS A 208 8.52 -5.90 1.95
CA LYS A 208 8.59 -4.56 2.54
C LYS A 208 8.25 -4.55 4.03
N GLY A 209 8.11 -5.72 4.65
CA GLY A 209 7.89 -5.77 6.08
C GLY A 209 6.49 -5.45 6.55
N GLU A 210 5.54 -5.24 5.62
CA GLU A 210 4.12 -5.07 5.97
C GLU A 210 3.50 -6.46 6.12
N PHE A 211 3.81 -7.09 7.26
CA PHE A 211 3.49 -8.49 7.46
C PHE A 211 1.99 -8.72 7.65
N GLY A 212 1.29 -7.77 8.26
CA GLY A 212 -0.13 -7.92 8.48
C GLY A 212 -0.93 -7.96 7.19
N GLN A 213 -0.59 -7.09 6.24
CA GLN A 213 -1.29 -7.05 4.97
C GLN A 213 -1.00 -8.30 4.14
N ALA A 214 0.27 -8.73 4.12
CA ALA A 214 0.62 -10.00 3.48
C ALA A 214 -0.17 -11.15 4.09
N ALA A 215 -0.30 -11.16 5.42
CA ALA A 215 -1.09 -12.19 6.07
C ALA A 215 -2.55 -12.14 5.60
N ALA A 216 -3.07 -10.92 5.42
CA ALA A 216 -4.45 -10.77 4.96
C ALA A 216 -4.63 -11.34 3.56
N TYR A 217 -3.71 -11.00 2.66
CA TYR A 217 -3.75 -11.54 1.29
C TYR A 217 -3.68 -13.07 1.30
N PHE A 218 -2.79 -13.65 2.11
CA PHE A 218 -2.68 -15.10 2.16
C PHE A 218 -3.96 -15.73 2.68
N ARG A 219 -4.46 -15.22 3.82
CA ARG A 219 -5.67 -15.76 4.43
C ARG A 219 -6.84 -15.71 3.46
N GLY A 220 -7.05 -14.56 2.79
CA GLY A 220 -8.14 -14.46 1.83
C GLY A 220 -7.94 -15.37 0.63
N MET A 221 -6.69 -15.54 0.21
CA MET A 221 -6.41 -16.48 -0.87
C MET A 221 -6.80 -17.91 -0.49
N VAL A 222 -6.61 -18.28 0.78
CA VAL A 222 -7.08 -19.59 1.22
C VAL A 222 -8.56 -19.74 0.92
N GLY A 223 -9.37 -18.74 1.29
CA GLY A 223 -10.80 -18.81 1.03
C GLY A 223 -11.14 -18.85 -0.44
N ARG A 224 -10.44 -18.06 -1.26
CA ARG A 224 -10.82 -17.96 -2.67
C ARG A 224 -10.42 -19.20 -3.46
N THR A 225 -9.15 -19.61 -3.37
CA THR A 225 -8.64 -20.73 -4.16
C THR A 225 -8.77 -22.07 -3.45
N GLY A 226 -9.11 -22.08 -2.16
CA GLY A 226 -9.23 -23.33 -1.43
C GLY A 226 -7.94 -24.08 -1.17
N ASN A 227 -6.78 -23.45 -1.37
CA ASN A 227 -5.49 -24.10 -1.17
C ASN A 227 -4.99 -23.78 0.23
N GLN A 228 -4.63 -24.82 0.98
CA GLN A 228 -4.25 -24.64 2.38
C GLN A 228 -2.77 -24.30 2.56
N ALA A 229 -1.96 -24.48 1.52
CA ALA A 229 -0.56 -24.12 1.61
C ALA A 229 -0.37 -22.64 1.94
N TYR A 230 -1.24 -21.78 1.39
CA TYR A 230 -1.16 -20.36 1.68
C TYR A 230 -1.43 -20.08 3.15
N ALA A 231 -2.27 -20.90 3.80
CA ALA A 231 -2.47 -20.78 5.24
C ALA A 231 -1.13 -20.76 5.96
N LEU A 232 -0.22 -21.64 5.55
CA LEU A 232 1.08 -21.70 6.20
C LEU A 232 1.82 -20.38 6.03
N TYR A 233 1.82 -19.84 4.82
CA TYR A 233 2.42 -18.55 4.56
C TYR A 233 1.81 -17.51 5.47
N ALA A 234 0.48 -17.52 5.59
CA ALA A 234 -0.21 -16.61 6.48
C ALA A 234 0.36 -16.71 7.89
N LEU A 235 0.47 -17.94 8.40
CA LEU A 235 1.00 -18.13 9.75
C LEU A 235 2.34 -17.44 9.86
N LEU A 236 3.20 -17.65 8.87
CA LEU A 236 4.54 -17.07 8.92
C LEU A 236 4.45 -15.56 9.04
N ALA A 237 3.67 -14.93 8.15
CA ALA A 237 3.54 -13.47 8.20
C ALA A 237 3.01 -13.03 9.55
N GLU A 238 2.01 -13.74 10.08
CA GLU A 238 1.44 -13.36 11.38
C GLU A 238 2.50 -13.45 12.48
N MET A 239 3.34 -14.49 12.43
CA MET A 239 4.44 -14.55 13.40
C MET A 239 5.25 -13.27 13.35
N TYR A 240 5.71 -12.91 12.15
CA TYR A 240 6.58 -11.74 12.03
C TYR A 240 5.84 -10.46 12.41
N ARG A 241 4.52 -10.45 12.24
CA ARG A 241 3.76 -9.28 12.70
C ARG A 241 3.81 -9.21 14.21
N ALA A 242 3.42 -10.31 14.87
CA ALA A 242 3.37 -10.31 16.33
C ALA A 242 4.74 -10.04 16.91
N TRP A 243 5.78 -10.61 16.28
CA TRP A 243 7.15 -10.37 16.68
C TRP A 243 7.49 -8.88 16.59
N ARG A 244 7.19 -8.24 15.45
CA ARG A 244 7.51 -6.82 15.30
C ARG A 244 6.69 -5.97 16.24
N ALA A 245 5.47 -6.41 16.57
CA ALA A 245 4.63 -5.70 17.52
C ALA A 245 5.00 -5.97 18.97
N LEU A 246 6.09 -6.71 19.22
CA LEU A 246 6.52 -7.09 20.56
C LEU A 246 5.49 -7.94 21.30
N ASP A 247 4.64 -8.66 20.55
CA ASP A 247 3.72 -9.65 21.13
C ASP A 247 4.37 -11.02 20.97
N PHE A 248 5.32 -11.30 21.87
CA PHE A 248 6.13 -12.50 21.71
C PHE A 248 5.33 -13.77 21.93
N GLY A 249 4.33 -13.74 22.80
CA GLY A 249 3.49 -14.92 23.00
C GLY A 249 2.72 -15.30 21.75
N GLU A 250 2.09 -14.31 21.11
CA GLU A 250 1.39 -14.55 19.86
C GLU A 250 2.35 -15.02 18.77
N ALA A 251 3.55 -14.45 18.74
CA ALA A 251 4.55 -14.87 17.77
C ALA A 251 4.92 -16.34 17.97
N LEU A 252 5.22 -16.72 19.21
CA LEU A 252 5.60 -18.09 19.53
C LEU A 252 4.48 -19.07 19.19
N LYS A 253 3.24 -18.70 19.52
CA LYS A 253 2.09 -19.54 19.18
C LYS A 253 2.02 -19.77 17.67
N ALA A 254 2.06 -18.70 16.89
CA ALA A 254 1.97 -18.83 15.44
C ALA A 254 3.12 -19.66 14.88
N GLY A 255 4.34 -19.43 15.37
CA GLY A 255 5.47 -20.20 14.90
C GLY A 255 5.39 -21.68 15.24
N ARG A 256 4.90 -22.00 16.44
CA ARG A 256 4.74 -23.41 16.80
C ARG A 256 3.69 -24.08 15.92
N LYS A 257 2.57 -23.41 15.68
CA LYS A 257 1.59 -23.96 14.75
C LYS A 257 2.22 -24.17 13.37
N LEU A 258 3.02 -23.22 12.92
CA LEU A 258 3.64 -23.31 11.60
C LEU A 258 4.60 -24.49 11.52
N LEU A 259 5.45 -24.67 12.53
CA LEU A 259 6.38 -25.81 12.53
C LEU A 259 5.63 -27.13 12.60
N GLY A 260 4.59 -27.20 13.43
CA GLY A 260 3.76 -28.40 13.47
C GLY A 260 3.10 -28.71 12.15
N GLN A 261 2.77 -27.70 11.35
CA GLN A 261 2.25 -27.95 10.02
C GLN A 261 3.36 -28.43 9.07
N LEU A 262 4.49 -27.71 9.08
CA LEU A 262 5.65 -28.10 8.29
C LEU A 262 6.14 -29.51 8.62
N SER A 263 5.70 -30.08 9.76
CA SER A 263 6.15 -31.41 10.15
C SER A 263 5.37 -32.52 9.47
N GLN A 264 4.09 -32.29 9.17
CA GLN A 264 3.26 -33.30 8.52
C GLN A 264 3.80 -33.66 7.15
N ASN A 265 3.50 -34.89 6.71
CA ASN A 265 3.99 -35.36 5.42
C ASN A 265 3.37 -34.57 4.27
N VAL A 266 2.10 -34.18 4.43
CA VAL A 266 1.39 -33.45 3.40
C VAL A 266 2.09 -32.16 3.01
N TRP A 267 2.92 -31.61 3.90
CA TRP A 267 3.59 -30.34 3.64
C TRP A 267 5.10 -30.49 3.54
N LEU A 268 5.59 -31.70 3.27
CA LEU A 268 7.04 -31.90 3.20
C LEU A 268 7.67 -31.16 2.05
N ASN A 269 6.92 -30.92 0.98
CA ASN A 269 7.42 -30.19 -0.18
C ASN A 269 7.03 -28.72 -0.17
N HIS A 270 6.41 -28.24 0.91
CA HIS A 270 6.10 -26.82 1.03
C HIS A 270 7.39 -26.02 1.00
N PRO A 271 7.49 -24.97 0.18
CA PRO A 271 8.75 -24.23 0.04
C PRO A 271 9.34 -23.78 1.37
N LEU A 272 8.52 -23.51 2.38
CA LEU A 272 9.05 -23.05 3.65
C LEU A 272 9.95 -24.10 4.30
N ASN A 273 9.78 -25.38 3.96
CA ASN A 273 10.66 -26.41 4.51
C ASN A 273 12.10 -26.28 4.01
N ALA A 274 12.33 -25.53 2.93
CA ALA A 274 13.70 -25.33 2.47
C ALA A 274 14.51 -24.53 3.48
N ARG A 275 13.90 -23.53 4.13
CA ARG A 275 14.56 -22.77 5.18
C ARG A 275 14.13 -23.20 6.58
N ARG A 276 13.97 -24.51 6.80
CA ARG A 276 13.41 -25.01 8.05
C ARG A 276 14.33 -24.76 9.24
N GLU A 277 15.64 -24.84 9.02
CA GLU A 277 16.60 -24.62 10.10
C GLU A 277 16.45 -23.21 10.67
N ALA A 278 16.42 -22.20 9.80
CA ALA A 278 16.31 -20.82 10.24
C ALA A 278 15.01 -20.55 10.97
N LEU A 279 13.90 -21.17 10.51
CA LEU A 279 12.63 -20.98 11.19
C LEU A 279 12.64 -21.59 12.58
N GLU A 280 13.28 -22.76 12.74
CA GLU A 280 13.35 -23.38 14.05
C GLU A 280 14.23 -22.55 14.99
N ALA A 281 15.30 -21.96 14.46
CA ALA A 281 16.09 -21.04 15.25
C ALA A 281 15.27 -19.83 15.70
N GLN A 282 14.49 -19.25 14.79
CA GLN A 282 13.70 -18.07 15.14
C GLN A 282 12.64 -18.41 16.18
N VAL A 283 11.91 -19.51 15.99
CA VAL A 283 10.91 -19.93 16.97
C VAL A 283 11.59 -20.22 18.31
N ALA A 284 12.81 -20.75 18.28
CA ALA A 284 13.57 -20.94 19.52
C ALA A 284 13.82 -19.60 20.21
N LEU A 285 14.22 -18.57 19.46
CA LEU A 285 14.34 -17.23 20.02
C LEU A 285 13.02 -16.79 20.67
N LEU A 286 11.91 -16.98 19.96
CA LEU A 286 10.62 -16.57 20.50
C LEU A 286 10.32 -17.27 21.83
N GLU A 287 10.63 -18.58 21.93
CA GLU A 287 10.46 -19.30 23.19
C GLU A 287 11.29 -18.67 24.30
N ALA A 288 12.58 -18.43 24.02
CA ALA A 288 13.45 -17.86 25.05
C ALA A 288 12.92 -16.53 25.54
N VAL A 289 12.42 -15.68 24.62
CA VAL A 289 11.95 -14.36 25.01
C VAL A 289 10.67 -14.48 25.83
N ASP A 290 9.71 -15.27 25.35
CA ASP A 290 8.45 -15.45 26.07
C ASP A 290 8.71 -15.91 27.51
N ARG A 291 9.59 -16.90 27.64
CA ARG A 291 9.91 -17.43 28.96
C ARG A 291 10.62 -16.41 29.83
N PHE A 292 11.57 -15.66 29.26
CA PHE A 292 12.23 -14.61 30.05
C PHE A 292 11.26 -13.51 30.44
N LEU A 293 10.26 -13.21 29.60
CA LEU A 293 9.25 -12.24 29.98
C LEU A 293 8.45 -12.73 31.18
N LYS A 294 8.12 -14.03 31.20
CA LYS A 294 7.44 -14.59 32.38
C LYS A 294 8.34 -14.61 33.60
N ALA A 295 9.64 -14.90 33.41
CA ALA A 295 10.55 -15.17 34.52
C ALA A 295 11.22 -13.92 35.07
N ARG A 296 11.52 -12.95 34.21
CA ARG A 296 12.32 -11.77 34.56
C ARG A 296 13.69 -12.13 35.10
N ASP A 297 14.23 -13.28 34.70
CA ASP A 297 15.52 -13.77 35.17
C ASP A 297 16.58 -13.44 34.13
N PHE A 298 17.56 -12.63 34.51
CA PHE A 298 18.59 -12.24 33.55
C PHE A 298 19.65 -13.31 33.37
N ALA A 299 19.47 -14.49 33.94
CA ALA A 299 20.40 -15.59 33.67
C ALA A 299 20.17 -16.16 32.27
N LEU A 300 18.90 -16.29 31.86
CA LEU A 300 18.59 -16.75 30.51
C LEU A 300 19.08 -15.72 29.51
N LYS A 301 20.32 -15.88 29.03
CA LYS A 301 20.90 -14.89 28.14
C LYS A 301 20.16 -14.80 26.82
N GLU A 302 19.58 -15.91 26.36
CA GLU A 302 18.98 -15.94 25.03
C GLU A 302 17.70 -15.12 24.95
N GLY A 303 16.90 -15.11 26.02
CA GLY A 303 15.70 -14.29 26.03
C GLY A 303 16.02 -12.80 26.07
N VAL A 304 16.95 -12.42 26.95
CA VAL A 304 17.46 -11.04 26.95
C VAL A 304 17.96 -10.65 25.56
N TYR A 305 18.67 -11.56 24.91
CA TYR A 305 19.21 -11.27 23.57
C TYR A 305 18.09 -11.03 22.57
N GLY A 306 17.08 -11.91 22.55
CA GLY A 306 16.01 -11.74 21.58
C GLY A 306 15.21 -10.47 21.81
N LEU A 307 14.93 -10.17 23.08
CA LEU A 307 14.20 -8.95 23.41
C LEU A 307 14.98 -7.71 22.99
N ALA A 308 16.23 -7.60 23.45
CA ALA A 308 17.05 -6.44 23.14
C ALA A 308 17.24 -6.28 21.63
N ARG A 309 17.52 -7.37 20.93
CA ARG A 309 17.73 -7.29 19.49
C ARG A 309 16.47 -6.85 18.76
N THR A 310 15.30 -7.37 19.18
CA THR A 310 14.05 -6.91 18.58
C THR A 310 13.87 -5.41 18.78
N LEU A 311 14.15 -4.93 19.99
CA LEU A 311 13.99 -3.51 20.27
C LEU A 311 14.95 -2.66 19.44
N LEU A 312 16.19 -3.14 19.28
CA LEU A 312 17.17 -2.39 18.50
C LEU A 312 16.81 -2.37 17.02
N HIS A 313 16.34 -3.49 16.48
CA HIS A 313 15.82 -3.52 15.12
C HIS A 313 14.71 -2.50 14.94
N LEU A 314 13.75 -2.46 15.88
CA LEU A 314 12.65 -1.50 15.78
C LEU A 314 13.15 -0.05 15.89
N ALA A 315 14.18 0.18 16.71
CA ALA A 315 14.73 1.52 16.84
C ALA A 315 15.43 1.96 15.57
N GLN A 316 16.20 1.06 14.95
CA GLN A 316 16.83 1.37 13.67
C GLN A 316 15.82 1.61 12.57
N GLU A 317 14.70 0.89 12.59
CA GLU A 317 13.67 1.13 11.56
C GLU A 317 12.94 2.45 11.82
N ALA A 318 12.80 2.85 13.08
CA ALA A 318 12.14 4.10 13.42
C ALA A 318 13.09 5.29 13.37
N LYS A 319 14.39 5.05 13.18
CA LYS A 319 15.40 6.08 13.43
C LYS A 319 15.20 7.31 12.54
N GLU A 320 14.76 7.11 11.29
CA GLU A 320 14.68 8.23 10.36
C GLU A 320 13.34 8.97 10.38
N GLU A 321 12.22 8.25 10.50
CA GLU A 321 10.90 8.87 10.34
C GLU A 321 10.12 8.98 11.64
N ALA A 322 10.65 8.49 12.76
CA ALA A 322 9.94 8.47 14.03
C ALA A 322 10.97 8.50 15.17
N ALA A 323 11.65 9.64 15.28
CA ALA A 323 12.77 9.80 16.21
C ALA A 323 12.37 9.49 17.64
N VAL A 324 11.27 10.08 18.13
CA VAL A 324 10.88 9.92 19.54
C VAL A 324 10.66 8.43 19.85
N LEU A 325 9.91 7.76 18.98
CA LEU A 325 9.72 6.32 19.09
C LEU A 325 11.06 5.59 19.12
N ALA A 326 11.95 5.97 18.19
CA ALA A 326 13.25 5.31 18.08
C ALA A 326 14.03 5.42 19.38
N ALA A 327 14.04 6.60 20.00
CA ALA A 327 14.76 6.78 21.25
C ALA A 327 14.13 5.95 22.35
N LEU A 328 12.80 5.85 22.37
CA LEU A 328 12.15 4.97 23.34
C LEU A 328 12.68 3.53 23.22
N TYR A 329 12.56 2.96 22.01
CA TYR A 329 13.04 1.59 21.76
C TYR A 329 14.49 1.42 22.18
N ALA A 330 15.36 2.33 21.71
CA ALA A 330 16.79 2.19 21.99
C ALA A 330 17.08 2.28 23.49
N TYR A 331 16.36 3.16 24.19
CA TYR A 331 16.55 3.29 25.63
C TYR A 331 16.21 1.98 26.34
N ARG A 332 15.06 1.37 26.00
CA ARG A 332 14.71 0.10 26.64
C ARG A 332 15.75 -0.99 26.34
N ALA A 333 16.25 -1.03 25.10
CA ALA A 333 17.28 -2.01 24.76
C ALA A 333 18.54 -1.83 25.62
N LEU A 334 19.09 -0.62 25.60
CA LEU A 334 20.31 -0.35 26.37
C LEU A 334 20.12 -0.63 27.85
N GLU A 335 18.95 -0.25 28.39
CA GLU A 335 18.66 -0.52 29.79
C GLU A 335 18.67 -2.02 30.09
N LEU A 336 18.01 -2.82 29.25
CA LEU A 336 18.01 -4.27 29.45
C LEU A 336 19.43 -4.83 29.41
N LEU A 337 20.23 -4.39 28.43
CA LEU A 337 21.59 -4.94 28.28
C LEU A 337 22.46 -4.60 29.49
N LEU A 338 22.44 -3.32 29.91
CA LEU A 338 23.17 -2.95 31.13
C LEU A 338 22.69 -3.76 32.32
N GLN A 339 21.38 -4.03 32.40
CA GLN A 339 20.88 -4.81 33.53
C GLN A 339 21.42 -6.25 33.51
N GLU A 340 21.52 -6.86 32.32
CA GLU A 340 22.10 -8.19 32.25
C GLU A 340 23.58 -8.16 32.64
N ARG A 341 24.29 -7.09 32.27
CA ARG A 341 25.66 -6.90 32.72
C ARG A 341 25.73 -6.92 34.25
N LEU A 342 24.84 -6.17 34.89
CA LEU A 342 24.81 -6.18 36.36
C LEU A 342 24.47 -7.57 36.88
N ALA A 343 23.63 -8.31 36.16
CA ALA A 343 23.26 -9.64 36.60
C ALA A 343 24.42 -10.60 36.53
N LEU A 344 25.42 -10.33 35.68
CA LEU A 344 26.67 -11.09 35.73
C LEU A 344 27.32 -11.01 37.11
N LEU A 345 27.14 -9.88 37.81
CA LEU A 345 27.61 -9.73 39.17
C LEU A 345 26.54 -10.28 40.12
N GLY A 346 26.53 -9.86 41.38
CA GLY A 346 25.68 -10.52 42.35
C GLY A 346 24.23 -10.10 42.28
N ARG A 347 23.97 -8.80 42.14
CA ARG A 347 22.68 -8.23 42.51
C ARG A 347 21.90 -7.68 41.31
N ARG A 348 20.76 -7.06 41.63
CA ARG A 348 19.90 -6.39 40.67
C ARG A 348 20.08 -4.88 40.77
N PRO A 352 20.92 -2.00 44.82
CA PRO A 352 20.12 -2.66 45.86
C PRO A 352 20.94 -3.51 46.83
N GLY A 353 22.13 -3.94 46.40
CA GLY A 353 23.04 -4.62 47.30
C GLY A 353 24.16 -3.69 47.74
N LEU A 354 23.86 -2.40 47.78
CA LEU A 354 24.88 -1.38 47.89
C LEU A 354 25.47 -1.33 49.30
N SER A 355 26.81 -1.57 49.41
CA SER A 355 27.54 -1.32 50.64
C SER A 355 28.00 0.13 50.68
N PRO A 356 28.22 0.70 51.88
CA PRO A 356 28.58 2.13 51.94
C PRO A 356 29.94 2.44 51.34
N GLU A 357 30.90 1.52 51.43
CA GLU A 357 32.14 1.68 50.69
C GLU A 357 31.84 1.79 49.19
N GLU A 358 30.93 0.95 48.70
CA GLU A 358 30.53 1.01 47.30
C GLU A 358 29.80 2.32 46.99
N ALA A 359 28.82 2.69 47.82
CA ALA A 359 28.04 3.89 47.56
C ALA A 359 28.94 5.12 47.51
N GLU A 360 29.89 5.23 48.45
CA GLU A 360 30.82 6.34 48.45
C GLU A 360 31.71 6.31 47.21
N ALA A 361 32.34 5.15 46.94
CA ALA A 361 33.19 5.03 45.76
C ALA A 361 32.43 5.34 44.48
N LEU A 362 31.12 5.10 44.45
CA LEU A 362 30.32 5.37 43.27
C LEU A 362 30.02 6.85 43.13
N ARG A 363 29.67 7.51 44.24
CA ARG A 363 29.55 8.95 44.21
C ARG A 363 30.85 9.59 43.73
N LYS A 364 31.99 9.03 44.13
CA LYS A 364 33.27 9.49 43.61
C LYS A 364 33.33 9.31 42.10
N ALA A 365 33.04 8.10 41.62
CA ALA A 365 33.15 7.81 40.19
C ALA A 365 32.24 8.73 39.36
N LEU A 366 30.96 8.78 39.70
CA LEU A 366 30.01 9.63 38.99
C LEU A 366 30.44 11.09 39.04
N ALA A 367 30.87 11.56 40.21
CA ALA A 367 31.28 12.95 40.35
C ALA A 367 32.46 13.27 39.45
N GLU A 368 33.50 12.44 39.50
CA GLU A 368 34.66 12.61 38.63
C GLU A 368 34.27 12.53 37.17
N LEU A 369 33.17 11.84 36.86
CA LEU A 369 32.71 11.74 35.48
C LEU A 369 32.16 13.09 35.00
N LEU A 370 31.17 13.62 35.71
CA LEU A 370 30.54 14.88 35.32
C LEU A 370 31.44 16.07 35.68
N PRO A 374 31.93 17.49 41.07
CA PRO A 374 31.00 17.74 42.19
C PRO A 374 30.51 16.47 42.87
N GLU A 375 31.08 16.14 44.03
CA GLU A 375 30.75 14.91 44.75
C GLU A 375 29.50 15.04 45.62
N GLU A 376 28.88 16.22 45.67
CA GLU A 376 27.64 16.36 46.43
C GLU A 376 26.43 15.76 45.71
N VAL A 377 26.56 15.44 44.42
CA VAL A 377 25.43 14.95 43.64
C VAL A 377 24.98 13.60 44.17
N ARG A 378 23.67 13.43 44.34
CA ARG A 378 23.08 12.31 45.05
C ARG A 378 22.69 11.18 44.09
N LEU A 379 22.45 9.99 44.65
CA LEU A 379 22.16 8.81 43.83
C LEU A 379 20.81 8.22 44.20
N PRO A 380 19.95 7.94 43.22
CA PRO A 380 18.58 7.51 43.50
C PRO A 380 18.51 6.04 43.93
N ALA A 381 17.29 5.60 44.26
CA ALA A 381 17.10 4.26 44.83
C ALA A 381 17.30 3.18 43.79
N LYS A 382 16.68 3.32 42.62
CA LYS A 382 17.00 2.48 41.48
C LYS A 382 17.99 3.20 40.59
N LEU A 383 18.93 2.43 40.06
CA LEU A 383 20.09 2.99 39.37
C LEU A 383 19.72 3.49 37.97
N GLY A 384 20.17 4.71 37.66
CA GLY A 384 19.95 5.26 36.34
C GLY A 384 20.78 4.54 35.29
N LEU A 385 20.70 5.06 34.07
CA LEU A 385 21.52 4.54 32.98
C LEU A 385 22.98 4.88 33.17
N LEU A 386 23.28 6.17 33.38
CA LEU A 386 24.66 6.58 33.67
C LEU A 386 25.11 6.05 35.02
N ASP A 387 24.21 6.09 36.01
CA ASP A 387 24.43 5.38 37.27
C ASP A 387 24.95 3.97 37.03
N LEU A 388 24.26 3.22 36.14
CA LEU A 388 24.61 1.83 35.90
C LEU A 388 25.96 1.71 35.20
N LEU A 389 26.20 2.54 34.19
CA LEU A 389 27.51 2.63 33.57
C LEU A 389 28.62 2.84 34.60
N ALA A 390 28.41 3.78 35.52
CA ALA A 390 29.45 4.11 36.48
C ALA A 390 29.69 2.96 37.43
N PHE A 391 28.62 2.28 37.85
CA PHE A 391 28.79 1.17 38.77
C PHE A 391 29.49 -0.01 38.11
N LEU A 392 29.14 -0.31 36.85
CA LEU A 392 29.73 -1.47 36.18
C LEU A 392 31.17 -1.19 35.76
N ARG A 393 31.40 -0.06 35.07
CA ARG A 393 32.75 0.31 34.67
C ARG A 393 33.65 0.52 35.88
N LEU A 394 33.10 1.07 36.97
CA LEU A 394 33.86 1.19 38.21
C LEU A 394 34.37 -0.16 38.66
N LYS A 395 33.60 -1.22 38.38
CA LYS A 395 34.02 -2.60 38.62
C LYS A 395 34.68 -3.22 37.39
N GLY A 396 35.29 -2.39 36.54
CA GLY A 396 36.15 -2.85 35.46
C GLY A 396 35.50 -3.63 34.34
N ASP A 397 34.17 -3.78 34.33
CA ASP A 397 33.40 -4.52 33.34
C ASP A 397 34.08 -4.54 31.97
N GLU A 398 34.26 -5.74 31.40
CA GLU A 398 35.13 -5.91 30.23
C GLU A 398 34.68 -5.03 29.06
N ALA A 399 33.41 -5.15 28.65
CA ALA A 399 32.91 -4.36 27.53
C ALA A 399 32.69 -2.91 27.92
N LEU A 400 32.35 -2.65 29.18
CA LEU A 400 32.15 -1.28 29.63
C LEU A 400 33.47 -0.61 30.00
N GLY A 401 34.48 -1.39 30.39
CA GLY A 401 35.81 -0.84 30.61
C GLY A 401 36.50 -0.45 29.31
N ARG A 402 36.16 -1.14 28.22
CA ARG A 402 36.72 -0.80 26.92
C ARG A 402 36.25 0.56 26.41
N LEU A 403 35.34 1.23 27.11
CA LEU A 403 34.73 2.44 26.58
C LEU A 403 35.72 3.59 26.53
N SER A 404 35.64 4.37 25.45
CA SER A 404 36.49 5.54 25.28
C SER A 404 35.91 6.72 26.03
N LEU A 405 36.78 7.50 26.70
CA LEU A 405 36.31 8.63 27.50
C LEU A 405 35.68 9.70 26.63
N ALA A 406 36.24 9.95 25.45
CA ALA A 406 35.68 10.93 24.53
C ALA A 406 34.23 10.59 24.20
N GLU A 407 33.98 9.33 23.83
CA GLU A 407 32.61 8.87 23.63
C GLU A 407 31.82 8.94 24.93
N LEU A 408 32.42 8.51 26.05
CA LEU A 408 31.70 8.41 27.33
C LEU A 408 31.10 9.75 27.74
N ARG A 409 31.89 10.82 27.63
CA ARG A 409 31.41 12.13 28.08
C ARG A 409 30.28 12.63 27.19
N GLY A 410 30.35 12.37 25.89
CA GLY A 410 29.29 12.75 24.99
C GLY A 410 28.03 11.90 25.11
N LEU A 411 28.19 10.65 25.53
CA LEU A 411 27.03 9.82 25.83
C LEU A 411 26.34 10.31 27.09
N ALA A 412 27.12 10.67 28.13
CA ALA A 412 26.62 11.15 29.41
C ALA A 412 25.46 12.12 29.27
N GLY A 413 25.52 13.00 28.27
CA GLY A 413 24.41 13.87 27.98
C GLY A 413 23.15 13.10 27.62
N ALA A 414 23.29 12.09 26.75
CA ALA A 414 22.13 11.35 26.31
C ALA A 414 21.61 10.40 27.38
N LEU A 415 22.51 9.81 28.16
CA LEU A 415 22.11 8.79 29.12
C LEU A 415 21.24 9.36 30.23
N LYS A 416 21.48 10.60 30.63
CA LYS A 416 20.55 11.35 31.47
C LYS A 416 19.56 12.04 30.55
N GLY A 417 18.33 11.51 30.52
CA GLY A 417 17.34 11.90 29.54
C GLY A 417 16.49 10.69 29.20
N ARG A 418 16.74 9.59 29.91
CA ARG A 418 16.08 8.32 29.60
C ARG A 418 14.63 8.35 30.05
N ASN A 419 14.39 8.69 31.32
CA ASN A 419 13.02 8.90 31.81
C ASN A 419 12.49 10.29 31.45
N SER A 420 13.35 11.19 30.96
CA SER A 420 12.97 12.56 30.64
C SER A 420 12.45 12.74 29.22
N ALA A 421 12.26 11.65 28.46
CA ALA A 421 11.82 11.74 27.08
C ALA A 421 10.30 11.88 27.00
N LEU A 422 9.84 12.39 25.85
CA LEU A 422 8.43 12.74 25.68
C LEU A 422 7.51 11.56 25.99
N LEU A 423 7.92 10.36 25.63
CA LEU A 423 7.05 9.19 25.71
C LEU A 423 7.23 8.39 26.99
N VAL A 424 8.01 8.88 27.94
CA VAL A 424 8.16 8.18 29.22
C VAL A 424 7.65 9.07 30.35
N HIS A 425 8.40 10.11 30.75
CA HIS A 425 7.99 10.98 31.84
C HIS A 425 8.15 12.48 31.55
N GLY A 426 8.85 12.86 30.47
CA GLY A 426 9.23 14.24 30.24
C GLY A 426 8.66 14.78 28.94
N PHE A 427 9.38 15.76 28.37
CA PHE A 427 8.96 16.49 27.19
C PHE A 427 10.07 16.62 26.15
N ASP A 428 11.15 15.85 26.31
CA ASP A 428 12.29 15.95 25.41
C ASP A 428 11.94 15.46 24.01
N VAL A 429 12.38 16.20 23.00
CA VAL A 429 12.55 15.64 21.66
C VAL A 429 14.00 15.19 21.57
N PRO A 430 14.29 13.96 21.16
CA PRO A 430 15.67 13.47 21.20
C PRO A 430 16.53 14.12 20.15
N SER A 431 17.80 14.29 20.50
CA SER A 431 18.81 14.68 19.53
C SER A 431 19.21 13.45 18.72
N PRO A 432 19.11 13.49 17.39
CA PRO A 432 19.43 12.28 16.60
C PRO A 432 20.81 11.69 16.90
N LYS A 433 21.82 12.55 17.14
CA LYS A 433 23.13 12.03 17.53
C LYS A 433 23.06 11.28 18.85
N ALA A 434 22.17 11.69 19.75
CA ALA A 434 21.98 10.96 21.00
C ALA A 434 21.34 9.60 20.74
N VAL A 435 20.37 9.55 19.84
CA VAL A 435 19.74 8.28 19.48
C VAL A 435 20.77 7.34 18.87
N GLU A 436 21.64 7.86 18.00
CA GLU A 436 22.67 7.01 17.39
C GLU A 436 23.70 6.55 18.42
N GLY A 437 24.06 7.42 19.36
CA GLY A 437 24.99 7.01 20.40
C GLY A 437 24.44 5.90 21.27
N ILE A 438 23.21 6.08 21.77
CA ILE A 438 22.53 5.02 22.51
C ILE A 438 22.50 3.74 21.70
N ALA A 439 22.13 3.84 20.42
CA ALA A 439 21.95 2.65 19.59
C ALA A 439 23.28 1.93 19.35
N ARG A 440 24.35 2.69 19.10
CA ARG A 440 25.66 2.10 18.88
C ARG A 440 26.15 1.38 20.14
N LEU A 441 26.09 2.07 21.27
CA LEU A 441 26.47 1.45 22.54
C LEU A 441 25.70 0.16 22.77
N ALA A 442 24.37 0.26 22.64
CA ALA A 442 23.52 -0.91 22.78
C ALA A 442 23.93 -2.02 21.83
N GLN A 443 24.39 -1.67 20.62
CA GLN A 443 24.73 -2.70 19.64
C GLN A 443 26.01 -3.41 20.04
N GLY A 444 27.02 -2.67 20.51
CA GLY A 444 28.22 -3.32 21.00
C GLY A 444 27.94 -4.29 22.12
N LEU A 445 27.12 -3.85 23.09
CA LEU A 445 26.74 -4.74 24.18
C LEU A 445 25.98 -5.95 23.66
N LEU A 446 25.04 -5.73 22.75
CA LEU A 446 24.30 -6.82 22.14
C LEU A 446 25.23 -7.83 21.48
N GLN A 447 26.35 -7.37 20.91
CA GLN A 447 27.29 -8.30 20.29
C GLN A 447 28.06 -9.10 21.33
N ASP A 448 28.49 -8.45 22.41
CA ASP A 448 29.15 -9.21 23.47
C ASP A 448 28.22 -10.27 24.04
N LEU A 449 26.98 -9.90 24.36
CA LEU A 449 26.01 -10.87 24.84
C LEU A 449 25.79 -11.98 23.82
N GLU A 450 25.75 -11.63 22.54
CA GLU A 450 25.58 -12.63 21.49
C GLU A 450 26.73 -13.62 21.50
N ALA A 451 27.93 -13.17 21.87
CA ALA A 451 29.09 -14.05 21.90
C ALA A 451 28.96 -15.12 22.99
N ARG A 452 28.42 -14.75 24.15
CA ARG A 452 28.25 -15.67 25.27
C ARG A 452 26.87 -16.30 25.29
N THR A 453 26.24 -16.46 24.13
CA THR A 453 24.95 -17.12 24.05
C THR A 453 25.05 -18.27 23.06
N ALA A 454 24.21 -19.28 23.27
CA ALA A 454 24.08 -20.37 22.32
C ALA A 454 23.04 -19.98 21.27
N LEU A 455 23.47 -19.86 20.02
CA LEU A 455 22.62 -19.30 18.97
C LEU A 455 22.42 -20.28 17.82
N GLY A 456 21.24 -20.23 17.22
CA GLY A 456 21.00 -20.91 15.97
C GLY A 456 21.76 -20.24 14.84
N PRO A 457 21.33 -20.50 13.59
CA PRO A 457 21.95 -19.85 12.43
C PRO A 457 22.21 -18.37 12.61
N LEU A 458 21.44 -17.72 13.48
CA LEU A 458 21.49 -16.26 13.63
C LEU A 458 21.13 -15.61 12.31
N SER A 459 19.85 -15.67 11.94
CA SER A 459 19.37 -14.96 10.77
C SER A 459 18.44 -13.84 11.21
N PRO A 460 18.85 -12.55 11.13
CA PRO A 460 17.94 -11.48 11.58
C PRO A 460 16.69 -11.39 10.72
N GLU A 461 16.88 -11.11 9.43
CA GLU A 461 15.86 -10.97 8.41
C GLU A 461 14.82 -12.08 8.46
N PRO A 462 13.57 -11.76 8.11
CA PRO A 462 12.56 -12.81 7.95
C PRO A 462 12.97 -13.80 6.87
N VAL A 463 12.33 -14.97 6.92
CA VAL A 463 12.66 -16.08 6.03
C VAL A 463 12.18 -15.77 4.62
N PRO A 464 12.97 -16.05 3.59
CA PRO A 464 12.48 -15.92 2.21
C PRO A 464 11.33 -16.87 1.94
N LEU A 465 10.33 -16.37 1.18
CA LEU A 465 9.07 -17.09 1.05
C LEU A 465 9.21 -18.41 0.29
N GLY A 466 10.24 -18.55 -0.54
CA GLY A 466 10.48 -19.80 -1.23
C GLY A 466 9.72 -19.98 -2.52
N PHE A 467 8.93 -19.00 -2.94
CA PHE A 467 8.31 -19.05 -4.27
C PHE A 467 8.52 -17.70 -4.96
N ALA B 3 16.80 -2.00 -50.64
CA ALA B 3 16.05 -3.00 -49.88
C ALA B 3 14.64 -2.51 -49.53
N MET B 4 14.55 -1.28 -49.05
CA MET B 4 13.28 -0.61 -48.74
C MET B 4 12.86 0.36 -49.84
N GLU B 5 13.82 1.09 -50.41
CA GLU B 5 13.58 1.82 -51.65
C GLU B 5 13.05 0.90 -52.74
N ASP B 6 13.61 -0.32 -52.80
CA ASP B 6 13.11 -1.34 -53.71
C ASP B 6 11.63 -1.64 -53.44
N LEU B 7 11.25 -1.76 -52.16
CA LEU B 7 9.86 -1.96 -51.81
C LEU B 7 9.00 -0.80 -52.29
N ASP B 8 9.51 0.43 -52.17
CA ASP B 8 8.75 1.59 -52.63
C ASP B 8 8.50 1.53 -54.14
N ALA B 9 9.57 1.25 -54.91
CA ALA B 9 9.42 1.03 -56.34
C ALA B 9 8.35 -0.01 -56.62
N LEU B 10 8.36 -1.08 -55.84
CA LEU B 10 7.33 -2.13 -55.98
C LEU B 10 5.94 -1.62 -55.65
N TRP B 11 5.82 -0.61 -54.77
CA TRP B 11 4.49 -0.12 -54.40
C TRP B 11 3.94 0.85 -55.45
N GLU B 12 4.79 1.71 -56.01
CA GLU B 12 4.34 2.55 -57.10
C GLU B 12 3.95 1.68 -58.30
N ARG B 13 4.79 0.70 -58.63
CA ARG B 13 4.43 -0.27 -59.67
C ARG B 13 3.14 -1.01 -59.33
N TYR B 14 2.91 -1.25 -58.04
CA TYR B 14 1.67 -1.89 -57.58
C TYR B 14 0.47 -1.04 -57.96
N ARG B 15 0.42 0.19 -57.41
CA ARG B 15 -0.69 1.10 -57.64
C ARG B 15 -0.96 1.29 -59.13
N GLU B 16 0.11 1.30 -59.92
CA GLU B 16 -0.04 1.39 -61.37
C GLU B 16 -0.68 0.13 -61.95
N ALA B 17 -0.25 -1.04 -61.50
CA ALA B 17 -0.79 -2.29 -62.03
C ALA B 17 -2.17 -2.63 -61.47
N VAL B 18 -2.66 -1.88 -60.48
CA VAL B 18 -4.02 -2.07 -59.98
C VAL B 18 -5.02 -1.48 -60.98
N GLN B 25 -6.77 -8.32 -55.09
CA GLN B 25 -5.94 -8.20 -53.90
C GLN B 25 -4.80 -9.23 -53.92
N ALA B 26 -4.99 -10.37 -54.60
CA ALA B 26 -3.91 -11.33 -54.76
C ALA B 26 -2.68 -10.71 -55.41
N LEU B 27 -2.86 -9.61 -56.15
CA LEU B 27 -1.70 -8.92 -56.68
C LEU B 27 -0.95 -8.15 -55.59
N TYR B 28 -1.62 -7.85 -54.47
CA TYR B 28 -0.88 -7.39 -53.29
C TYR B 28 0.01 -8.49 -52.75
N GLN B 29 -0.51 -9.72 -52.70
CA GLN B 29 0.28 -10.87 -52.27
C GLN B 29 1.50 -11.04 -53.17
N GLU B 30 1.26 -11.36 -54.44
CA GLU B 30 2.34 -11.68 -55.36
C GLU B 30 3.31 -10.52 -55.51
N MET B 31 2.79 -9.31 -55.74
CA MET B 31 3.67 -8.16 -55.94
C MET B 31 4.46 -7.85 -54.67
N VAL B 32 3.75 -7.56 -53.58
CA VAL B 32 4.35 -6.83 -52.46
C VAL B 32 4.85 -7.72 -51.33
N TRP B 33 4.20 -8.87 -51.10
CA TRP B 33 4.39 -9.56 -49.82
C TRP B 33 5.83 -9.97 -49.55
N PRO B 34 6.52 -10.70 -50.43
CA PRO B 34 7.87 -11.17 -50.08
C PRO B 34 8.89 -10.06 -49.91
N ALA B 35 8.65 -8.88 -50.49
CA ALA B 35 9.59 -7.78 -50.29
C ALA B 35 9.39 -7.13 -48.92
N LEU B 36 8.14 -7.03 -48.48
CA LEU B 36 7.86 -6.56 -47.11
C LEU B 36 8.41 -7.54 -46.09
N LEU B 37 8.09 -8.83 -46.26
CA LEU B 37 8.72 -9.89 -45.47
C LEU B 37 10.22 -9.70 -45.42
N ALA B 38 10.87 -9.61 -46.58
CA ALA B 38 12.33 -9.58 -46.62
C ALA B 38 12.88 -8.34 -45.93
N LEU B 39 12.18 -7.20 -46.04
CA LEU B 39 12.59 -6.01 -45.32
C LEU B 39 12.55 -6.26 -43.81
N TRP B 40 11.50 -6.92 -43.32
CA TRP B 40 11.41 -7.19 -41.89
C TRP B 40 12.42 -8.24 -41.44
N ARG B 41 12.79 -9.17 -42.31
CA ARG B 41 13.78 -10.19 -41.96
C ARG B 41 15.17 -9.59 -41.88
N GLU B 42 15.57 -8.86 -42.93
CA GLU B 42 16.91 -8.28 -42.99
C GLU B 42 17.17 -7.38 -41.78
N LYS B 43 16.37 -6.36 -41.60
CA LYS B 43 16.46 -5.48 -40.42
C LYS B 43 15.05 -5.13 -39.97
N PRO B 44 14.53 -5.77 -38.93
CA PRO B 44 13.19 -5.43 -38.44
C PRO B 44 13.13 -3.99 -37.96
N ARG B 45 11.99 -3.35 -38.23
CA ARG B 45 11.75 -1.95 -37.88
C ARG B 45 10.95 -1.90 -36.58
N VAL B 46 11.63 -1.57 -35.48
CA VAL B 46 11.05 -1.56 -34.14
C VAL B 46 11.14 -0.13 -33.59
N TYR B 47 10.05 0.33 -32.97
CA TYR B 47 9.92 1.72 -32.53
C TYR B 47 9.25 1.79 -31.17
N PRO B 48 9.44 2.92 -30.44
CA PRO B 48 10.29 4.08 -30.75
C PRO B 48 11.79 3.79 -30.68
N PHE B 49 12.21 2.98 -29.71
CA PHE B 49 13.60 2.61 -29.54
C PHE B 49 13.74 1.09 -29.63
N PRO B 50 14.60 0.57 -30.49
CA PRO B 50 14.70 -0.89 -30.66
C PRO B 50 15.25 -1.55 -29.41
N GLN B 51 15.09 -2.87 -29.36
CA GLN B 51 15.59 -3.67 -28.26
C GLN B 51 15.50 -5.15 -28.65
N ALA B 52 16.07 -6.00 -27.81
CA ALA B 52 16.04 -7.43 -28.02
C ALA B 52 14.97 -8.07 -27.14
N PHE B 53 14.40 -9.16 -27.61
CA PHE B 53 13.41 -9.92 -26.87
C PHE B 53 13.80 -11.40 -26.87
N ALA B 54 13.70 -12.03 -25.70
CA ALA B 54 13.94 -13.46 -25.59
C ALA B 54 12.69 -14.28 -25.91
N VAL B 55 11.52 -13.83 -25.45
CA VAL B 55 10.28 -14.57 -25.58
C VAL B 55 9.26 -13.69 -26.28
N SER B 56 8.47 -14.30 -27.16
CA SER B 56 7.41 -13.63 -27.90
C SER B 56 6.14 -14.44 -27.75
N VAL B 57 5.03 -13.74 -27.47
CA VAL B 57 3.71 -14.33 -27.29
C VAL B 57 2.75 -13.56 -28.18
N HIS B 58 2.05 -14.26 -29.07
CA HIS B 58 1.22 -13.61 -30.08
C HIS B 58 -0.19 -14.19 -30.04
N THR B 59 -1.19 -13.32 -29.96
CA THR B 59 -2.55 -13.75 -30.21
C THR B 59 -2.76 -13.87 -31.71
N LEU B 60 -3.57 -14.82 -32.12
CA LEU B 60 -3.80 -15.08 -33.55
C LEU B 60 -5.30 -15.14 -33.81
N GLY B 61 -5.78 -14.23 -34.66
CA GLY B 61 -7.16 -14.21 -35.09
C GLY B 61 -7.32 -14.57 -36.55
N THR B 62 -7.56 -13.58 -37.41
CA THR B 62 -7.86 -13.83 -38.82
C THR B 62 -6.84 -13.19 -39.77
N SER B 63 -5.74 -12.66 -39.24
CA SER B 63 -4.82 -11.84 -40.03
C SER B 63 -3.38 -12.32 -39.81
N PRO B 64 -3.03 -13.49 -40.36
CA PRO B 64 -1.70 -14.07 -40.09
C PRO B 64 -0.52 -13.22 -40.53
N GLU B 65 -0.73 -12.33 -41.49
CA GLU B 65 0.38 -11.56 -42.06
C GLU B 65 0.97 -10.61 -41.02
N ALA B 66 0.10 -9.79 -40.40
CA ALA B 66 0.57 -8.86 -39.37
C ALA B 66 1.28 -9.61 -38.25
N THR B 67 0.77 -10.79 -37.88
CA THR B 67 1.44 -11.58 -36.86
C THR B 67 2.80 -12.05 -37.32
N ALA B 68 2.94 -12.43 -38.60
CA ALA B 68 4.26 -12.79 -39.14
C ALA B 68 5.23 -11.63 -39.00
N LEU B 69 4.80 -10.43 -39.39
CA LEU B 69 5.64 -9.25 -39.23
C LEU B 69 5.97 -8.98 -37.77
N ALA B 70 5.04 -9.29 -36.86
CA ALA B 70 5.33 -9.09 -35.44
C ALA B 70 6.38 -10.07 -34.94
N ILE B 71 6.24 -11.34 -35.32
CA ILE B 71 7.21 -12.36 -34.92
C ILE B 71 8.59 -11.99 -35.43
N LEU B 72 8.68 -11.50 -36.68
CA LEU B 72 9.97 -11.04 -37.17
C LEU B 72 10.45 -9.82 -36.39
N GLY B 73 9.56 -8.87 -36.13
CA GLY B 73 9.97 -7.62 -35.51
C GLY B 73 10.53 -7.81 -34.10
N ALA B 74 9.86 -8.65 -33.30
CA ALA B 74 10.32 -8.85 -31.93
C ALA B 74 11.64 -9.60 -31.87
N GLY B 75 11.92 -10.46 -32.84
CA GLY B 75 13.21 -11.14 -32.91
C GLY B 75 13.47 -12.10 -31.79
N ALA B 76 12.42 -12.72 -31.24
CA ALA B 76 12.56 -13.60 -30.09
C ALA B 76 12.94 -15.01 -30.52
N GLU B 77 13.66 -15.70 -29.65
CA GLU B 77 14.07 -17.07 -29.94
C GLU B 77 12.90 -18.04 -29.73
N ARG B 78 12.12 -17.84 -28.68
CA ARG B 78 10.98 -18.70 -28.37
C ARG B 78 9.69 -17.93 -28.64
N VAL B 79 8.87 -18.46 -29.55
CA VAL B 79 7.64 -17.80 -30.00
C VAL B 79 6.45 -18.66 -29.61
N TYR B 80 5.52 -18.07 -28.87
CA TYR B 80 4.27 -18.70 -28.47
C TYR B 80 3.14 -18.03 -29.22
N VAL B 81 2.27 -18.83 -29.82
CA VAL B 81 1.16 -18.33 -30.63
C VAL B 81 -0.14 -18.79 -29.98
N LEU B 82 -0.92 -17.84 -29.47
CA LEU B 82 -2.19 -18.08 -28.80
C LEU B 82 -3.30 -17.92 -29.84
N HIS B 83 -3.80 -19.05 -30.34
CA HIS B 83 -4.68 -19.05 -31.51
C HIS B 83 -6.07 -19.60 -31.17
N THR B 84 -7.04 -19.24 -32.00
CA THR B 84 -8.40 -19.76 -31.92
C THR B 84 -8.48 -21.12 -32.62
N PRO B 85 -9.61 -21.84 -32.47
CA PRO B 85 -9.81 -23.05 -33.30
C PRO B 85 -9.62 -22.79 -34.78
N GLU B 86 -10.34 -21.81 -35.34
CA GLU B 86 -10.16 -21.46 -36.75
C GLU B 86 -8.71 -21.13 -37.05
N SER B 87 -8.10 -20.28 -36.22
CA SER B 87 -6.76 -19.74 -36.51
C SER B 87 -5.72 -20.83 -36.73
N ALA B 88 -5.98 -22.06 -36.29
CA ALA B 88 -5.00 -23.12 -36.45
C ALA B 88 -4.63 -23.33 -37.92
N ARG B 89 -5.60 -23.15 -38.82
CA ARG B 89 -5.35 -23.30 -40.25
C ARG B 89 -4.33 -22.31 -40.80
N PHE B 90 -3.96 -21.29 -40.01
CA PHE B 90 -2.96 -20.30 -40.43
C PHE B 90 -1.57 -20.61 -39.90
N LEU B 91 -1.42 -21.64 -39.06
CA LEU B 91 -0.13 -21.91 -38.44
C LEU B 91 0.98 -22.28 -39.43
N PRO B 92 0.73 -23.06 -40.51
CA PRO B 92 1.81 -23.33 -41.48
C PRO B 92 2.38 -22.07 -42.12
N ARG B 93 1.51 -21.23 -42.70
CA ARG B 93 1.96 -20.02 -43.37
C ARG B 93 2.83 -19.17 -42.46
N LEU B 94 2.38 -19.00 -41.21
CA LEU B 94 3.19 -18.34 -40.19
C LEU B 94 4.59 -18.93 -40.12
N ARG B 95 4.68 -20.24 -39.85
CA ARG B 95 5.99 -20.87 -39.79
C ARG B 95 6.75 -20.66 -41.10
N GLN B 96 6.02 -20.65 -42.22
CA GLN B 96 6.70 -20.47 -43.50
C GLN B 96 7.20 -19.04 -43.65
N ASP B 97 6.43 -18.07 -43.17
CA ASP B 97 6.82 -16.68 -43.39
C ASP B 97 7.90 -16.24 -42.43
N THR B 98 7.82 -16.66 -41.17
CA THR B 98 8.80 -16.26 -40.17
C THR B 98 10.06 -17.13 -40.20
N GLY B 99 9.95 -18.36 -40.70
CA GLY B 99 11.07 -19.27 -40.60
C GLY B 99 11.39 -19.67 -39.17
N LYS B 100 10.40 -19.68 -38.29
CA LYS B 100 10.59 -20.00 -36.89
C LYS B 100 9.64 -21.12 -36.48
N ASP B 101 10.10 -21.98 -35.57
CA ASP B 101 9.21 -22.94 -34.93
C ASP B 101 8.41 -22.25 -33.83
N LEU B 102 7.17 -22.69 -33.64
CA LEU B 102 6.22 -21.98 -32.80
C LEU B 102 5.58 -22.93 -31.81
N TYR B 103 5.40 -22.46 -30.58
CA TYR B 103 4.61 -23.20 -29.61
C TYR B 103 3.15 -22.75 -29.70
N PRO B 104 2.27 -23.57 -30.26
CA PRO B 104 0.86 -23.17 -30.35
C PRO B 104 0.10 -23.52 -29.08
N VAL B 105 -0.83 -22.63 -28.73
CA VAL B 105 -1.72 -22.82 -27.58
C VAL B 105 -3.11 -22.40 -28.02
N GLU B 106 -4.06 -23.33 -27.97
CA GLU B 106 -5.42 -23.05 -28.41
C GLU B 106 -6.21 -22.32 -27.32
N ILE B 107 -6.98 -21.31 -27.74
CA ILE B 107 -7.89 -20.58 -26.85
C ILE B 107 -9.23 -20.37 -27.54
N GLY B 108 -10.28 -20.24 -26.73
CA GLY B 108 -11.55 -19.78 -27.24
C GLY B 108 -11.52 -18.29 -27.56
N LYS B 109 -12.42 -17.88 -28.46
CA LYS B 109 -12.36 -16.53 -29.01
C LYS B 109 -12.64 -15.44 -27.97
N SER B 110 -13.44 -15.72 -26.96
CA SER B 110 -13.68 -14.76 -25.89
C SER B 110 -13.19 -15.25 -24.53
N ASP B 111 -12.47 -16.37 -24.50
CA ASP B 111 -11.90 -16.94 -23.28
C ASP B 111 -10.74 -16.05 -22.82
N VAL B 112 -11.09 -14.94 -22.19
CA VAL B 112 -10.09 -13.98 -21.77
C VAL B 112 -9.31 -14.51 -20.59
N GLU B 113 -9.99 -15.22 -19.68
CA GLU B 113 -9.31 -15.73 -18.51
C GLU B 113 -8.30 -16.80 -18.89
N ALA B 114 -8.52 -17.52 -19.99
CA ALA B 114 -7.49 -18.44 -20.46
C ALA B 114 -6.27 -17.69 -21.02
N ILE B 115 -6.50 -16.52 -21.61
CA ILE B 115 -5.37 -15.66 -21.97
C ILE B 115 -4.59 -15.25 -20.73
N TYR B 116 -5.30 -14.81 -19.68
CA TYR B 116 -4.63 -14.42 -18.44
C TYR B 116 -3.84 -15.57 -17.85
N ARG B 117 -4.45 -16.76 -17.78
CA ARG B 117 -3.77 -17.94 -17.26
C ARG B 117 -2.51 -18.27 -18.06
N GLU B 118 -2.62 -18.23 -19.39
CA GLU B 118 -1.46 -18.51 -20.24
C GLU B 118 -0.34 -17.50 -20.03
N VAL B 119 -0.66 -16.20 -19.97
CA VAL B 119 0.39 -15.22 -19.74
C VAL B 119 1.05 -15.47 -18.39
N LYS B 120 0.25 -15.79 -17.37
CA LYS B 120 0.80 -16.06 -16.04
C LYS B 120 1.77 -17.23 -16.06
N ARG B 121 1.36 -18.34 -16.69
CA ARG B 121 2.24 -19.51 -16.78
C ARG B 121 3.51 -19.18 -17.55
N LEU B 122 3.38 -18.47 -18.68
CA LEU B 122 4.54 -18.17 -19.51
C LEU B 122 5.51 -17.21 -18.82
N LEU B 123 5.00 -16.34 -17.95
CA LEU B 123 5.92 -15.46 -17.23
C LEU B 123 6.57 -16.16 -16.05
N GLU B 124 5.87 -17.12 -15.43
CA GLU B 124 6.53 -17.99 -14.47
C GLU B 124 7.63 -18.82 -15.13
N LYS B 125 7.43 -19.19 -16.39
CA LYS B 125 8.44 -19.96 -17.11
C LYS B 125 9.62 -19.09 -17.53
N HIS B 126 9.38 -17.80 -17.78
CA HIS B 126 10.43 -16.86 -18.20
C HIS B 126 10.37 -15.61 -17.32
N PRO B 127 10.88 -15.70 -16.09
CA PRO B 127 10.69 -14.60 -15.14
C PRO B 127 11.70 -13.46 -15.23
N GLU B 128 12.83 -13.63 -15.93
CA GLU B 128 13.90 -12.64 -15.86
C GLU B 128 14.43 -12.26 -17.23
N VAL B 129 13.60 -12.36 -18.27
CA VAL B 129 14.04 -12.02 -19.62
C VAL B 129 13.00 -11.09 -20.24
N PRO B 130 13.39 -10.30 -21.24
CA PRO B 130 12.40 -9.47 -21.94
C PRO B 130 11.39 -10.33 -22.67
N VAL B 131 10.10 -10.06 -22.42
CA VAL B 131 9.00 -10.78 -23.02
C VAL B 131 8.13 -9.78 -23.77
N ALA B 132 7.91 -10.01 -25.05
CA ALA B 132 7.01 -9.18 -25.85
C ALA B 132 5.67 -9.87 -25.98
N LEU B 133 4.60 -9.12 -25.65
CA LEU B 133 3.23 -9.59 -25.79
C LEU B 133 2.59 -8.82 -26.94
N ASP B 134 2.36 -9.52 -28.06
CA ASP B 134 1.87 -8.90 -29.29
C ASP B 134 0.37 -9.13 -29.42
N LEU B 135 -0.39 -8.05 -29.53
CA LEU B 135 -1.85 -8.10 -29.54
C LEU B 135 -2.45 -7.82 -30.92
N THR B 136 -1.61 -7.78 -31.98
CA THR B 136 -2.07 -7.28 -33.27
C THR B 136 -3.26 -8.06 -33.81
N SER B 137 -3.26 -9.37 -33.66
CA SER B 137 -4.30 -10.21 -34.23
C SER B 137 -5.10 -10.90 -33.15
N GLY B 138 -6.39 -11.11 -33.44
CA GLY B 138 -7.30 -11.70 -32.48
C GLY B 138 -8.59 -10.90 -32.38
N THR B 139 -9.55 -11.48 -31.66
CA THR B 139 -10.75 -10.73 -31.33
C THR B 139 -10.41 -9.56 -30.42
N LYS B 140 -11.37 -8.64 -30.28
CA LYS B 140 -11.18 -7.51 -29.38
C LYS B 140 -10.94 -7.98 -27.95
N ALA B 141 -11.62 -9.05 -27.54
CA ALA B 141 -11.44 -9.57 -26.19
C ALA B 141 -10.06 -10.19 -26.02
N MET B 142 -9.54 -10.85 -27.06
CA MET B 142 -8.21 -11.45 -26.98
C MET B 142 -7.12 -10.39 -26.86
N SER B 143 -7.15 -9.39 -27.76
CA SER B 143 -6.14 -8.34 -27.75
C SER B 143 -6.22 -7.52 -26.47
N ALA B 144 -7.42 -7.08 -26.11
CA ALA B 144 -7.60 -6.33 -24.86
C ALA B 144 -7.14 -7.15 -23.67
N GLY B 145 -7.45 -8.45 -23.70
CA GLY B 145 -7.01 -9.32 -22.61
C GLY B 145 -5.51 -9.41 -22.50
N LEU B 146 -4.83 -9.56 -23.64
CA LEU B 146 -3.37 -9.66 -23.61
C LEU B 146 -2.72 -8.36 -23.14
N ALA B 147 -3.24 -7.21 -23.59
CA ALA B 147 -2.71 -5.95 -23.12
C ALA B 147 -2.91 -5.80 -21.60
N ALA B 148 -4.14 -6.08 -21.15
CA ALA B 148 -4.45 -5.98 -19.72
C ALA B 148 -3.52 -6.87 -18.89
N ALA B 149 -3.36 -8.14 -19.31
CA ALA B 149 -2.47 -9.05 -18.59
C ALA B 149 -1.05 -8.52 -18.57
N GLY B 150 -0.56 -8.02 -19.72
CA GLY B 150 0.79 -7.49 -19.76
C GLY B 150 1.01 -6.36 -18.77
N PHE B 151 0.06 -5.42 -18.71
CA PHE B 151 0.26 -4.25 -17.85
C PHE B 151 0.08 -4.63 -16.37
N PHE B 152 -0.86 -5.52 -16.07
CA PHE B 152 -1.00 -6.01 -14.70
C PHE B 152 0.27 -6.71 -14.23
N PHE B 153 0.75 -7.69 -15.02
CA PHE B 153 1.93 -8.45 -14.62
C PHE B 153 3.21 -7.63 -14.66
N GLN B 154 3.21 -6.47 -15.33
CA GLN B 154 4.41 -5.64 -15.39
C GLN B 154 4.88 -5.22 -14.00
N ARG B 155 3.95 -5.06 -13.04
CA ARG B 155 4.32 -4.74 -11.68
C ARG B 155 5.20 -5.83 -11.04
N PHE B 156 5.04 -7.09 -11.46
CA PHE B 156 5.83 -8.19 -10.94
C PHE B 156 6.84 -8.76 -11.91
N TYR B 157 6.69 -8.50 -13.22
CA TYR B 157 7.64 -8.93 -14.24
C TYR B 157 8.01 -7.70 -15.05
N PRO B 158 8.97 -6.90 -14.58
CA PRO B 158 9.18 -5.57 -15.16
C PRO B 158 9.69 -5.57 -16.60
N LYS B 159 10.17 -6.69 -17.11
CA LYS B 159 10.69 -6.75 -18.48
C LYS B 159 9.62 -7.15 -19.49
N VAL B 160 8.38 -7.32 -19.06
CA VAL B 160 7.26 -7.50 -19.99
C VAL B 160 7.05 -6.21 -20.78
N ARG B 161 6.75 -6.37 -22.07
CA ARG B 161 6.36 -5.25 -22.92
C ARG B 161 5.18 -5.67 -23.78
N VAL B 162 4.24 -4.74 -23.96
CA VAL B 162 3.11 -4.94 -24.86
C VAL B 162 3.43 -4.23 -26.18
N VAL B 163 3.24 -4.94 -27.30
CA VAL B 163 3.58 -4.41 -28.61
C VAL B 163 2.46 -4.72 -29.59
N TYR B 164 2.50 -4.03 -30.74
CA TYR B 164 1.53 -4.25 -31.79
C TYR B 164 2.11 -3.71 -33.10
N VAL B 165 1.62 -4.25 -34.21
CA VAL B 165 2.02 -3.77 -35.54
C VAL B 165 1.12 -2.60 -35.91
N ASP B 166 1.68 -1.39 -35.95
CA ASP B 166 0.96 -0.17 -36.26
C ASP B 166 0.87 0.02 -37.76
N ASN B 167 -0.36 0.26 -38.23
CA ASN B 167 -0.69 0.47 -39.64
C ASN B 167 -0.97 1.92 -39.96
N LEU B 174 -5.17 4.76 -50.72
CA LEU B 174 -6.31 3.93 -51.04
C LEU B 174 -6.66 3.05 -49.84
N ARG B 175 -7.26 1.89 -50.08
CA ARG B 175 -7.81 1.13 -48.96
C ARG B 175 -6.72 0.41 -48.17
N ARG B 176 -5.70 -0.13 -48.83
CA ARG B 176 -4.62 -0.79 -48.12
C ARG B 176 -3.68 0.25 -47.49
N PRO B 177 -2.98 -0.11 -46.43
CA PRO B 177 -1.88 0.74 -45.94
C PRO B 177 -0.64 0.53 -46.78
N ARG B 178 0.04 1.63 -47.12
CA ARG B 178 1.24 1.57 -47.94
C ARG B 178 2.27 0.63 -47.31
N ALA B 179 2.95 -0.15 -48.16
CA ALA B 179 3.65 -1.35 -47.70
C ALA B 179 4.80 -1.05 -46.75
N GLY B 180 5.51 0.06 -46.93
CA GLY B 180 6.67 0.25 -46.08
C GLY B 180 6.42 0.90 -44.74
N THR B 181 5.17 1.20 -44.38
CA THR B 181 4.87 2.07 -43.25
C THR B 181 4.54 1.32 -41.96
N GLU B 182 4.41 0.00 -42.00
CA GLU B 182 4.12 -0.77 -40.79
C GLU B 182 5.24 -0.63 -39.78
N LYS B 183 4.88 -0.42 -38.51
CA LYS B 183 5.89 -0.25 -37.47
C LYS B 183 5.52 -1.07 -36.25
N LEU B 184 6.38 -1.99 -35.85
CA LEU B 184 6.21 -2.64 -34.56
C LEU B 184 6.43 -1.61 -33.46
N ARG B 185 5.38 -1.35 -32.67
CA ARG B 185 5.43 -0.33 -31.63
C ARG B 185 5.21 -0.96 -30.27
N ILE B 186 5.79 -0.31 -29.25
CA ILE B 186 5.58 -0.68 -27.86
C ILE B 186 4.46 0.19 -27.30
N LEU B 187 3.41 -0.45 -26.83
CA LEU B 187 2.26 0.23 -26.25
C LEU B 187 2.62 0.70 -24.84
N PRO B 188 2.52 2.00 -24.55
CA PRO B 188 2.88 2.47 -23.21
C PRO B 188 1.83 2.13 -22.18
N ASN B 189 2.28 1.86 -20.94
CA ASN B 189 1.24 1.75 -19.93
C ASN B 189 0.82 3.14 -19.46
N PRO B 190 -0.31 3.25 -18.75
CA PRO B 190 -0.82 4.60 -18.38
C PRO B 190 0.18 5.47 -17.64
N HIS B 191 0.93 4.95 -16.67
CA HIS B 191 1.84 5.83 -15.93
C HIS B 191 3.00 6.29 -16.81
N GLU B 192 3.49 5.41 -17.70
CA GLU B 192 4.55 5.83 -18.60
C GLU B 192 4.14 7.01 -19.46
N ALA B 193 2.86 7.04 -19.85
CA ALA B 193 2.38 8.06 -20.76
C ALA B 193 1.85 9.30 -20.04
N LEU B 194 1.40 9.13 -18.80
CA LEU B 194 0.81 10.22 -18.02
C LEU B 194 1.59 10.40 -16.72
N ALA B 195 2.52 11.35 -16.70
CA ALA B 195 3.31 11.58 -15.48
C ALA B 195 2.42 12.01 -14.31
N GLU B 196 1.44 12.88 -14.56
CA GLU B 196 0.62 13.44 -13.47
C GLU B 196 -0.04 12.37 -12.62
N VAL B 197 -0.11 11.12 -13.06
CA VAL B 197 -0.78 10.13 -12.23
C VAL B 197 0.04 9.77 -11.00
N ASP B 198 1.35 10.06 -10.99
CA ASP B 198 2.08 9.93 -9.73
C ASP B 198 1.35 10.73 -8.64
N ALA B 199 0.69 11.83 -9.04
CA ALA B 199 -0.21 12.57 -8.17
C ALA B 199 -1.25 11.68 -7.51
N LEU B 200 -2.03 10.96 -8.32
CA LEU B 200 -3.02 10.05 -7.77
C LEU B 200 -2.40 9.10 -6.76
N PHE B 201 -1.20 8.58 -7.06
CA PHE B 201 -0.51 7.71 -6.11
C PHE B 201 -0.35 8.43 -4.78
N ALA B 202 0.13 9.68 -4.84
CA ALA B 202 0.27 10.51 -3.64
C ALA B 202 -1.02 10.54 -2.85
N LYS B 203 -2.14 10.83 -3.52
CA LYS B 203 -3.40 10.95 -2.79
C LYS B 203 -3.70 9.66 -2.05
N GLU B 204 -3.50 8.53 -2.72
CA GLU B 204 -3.76 7.25 -2.08
C GLU B 204 -2.91 7.08 -0.84
N LEU B 205 -1.61 7.37 -0.95
CA LEU B 205 -0.73 7.26 0.21
C LEU B 205 -1.21 8.20 1.31
N TYR B 206 -1.56 9.43 0.92
CA TYR B 206 -2.06 10.39 1.90
C TYR B 206 -3.29 9.85 2.60
N GLY B 207 -4.14 9.13 1.86
CA GLY B 207 -5.34 8.58 2.47
C GLY B 207 -5.05 7.47 3.45
N LYS B 208 -3.96 6.74 3.26
CA LYS B 208 -3.63 5.61 4.11
C LYS B 208 -2.78 6.00 5.32
N GLY B 209 -2.40 7.26 5.44
CA GLY B 209 -1.60 7.70 6.56
C GLY B 209 -0.10 7.73 6.33
N GLU B 210 0.38 7.25 5.18
CA GLU B 210 1.82 7.28 4.91
C GLU B 210 2.15 8.67 4.39
N PHE B 211 2.30 9.61 5.32
CA PHE B 211 2.42 11.01 4.94
C PHE B 211 3.79 11.35 4.33
N GLY B 212 4.85 10.68 4.79
CA GLY B 212 6.17 10.96 4.21
C GLY B 212 6.23 10.67 2.71
N GLN B 213 5.74 9.50 2.30
CA GLN B 213 5.77 9.13 0.88
C GLN B 213 4.89 10.04 0.04
N ALA B 214 3.74 10.46 0.57
CA ALA B 214 2.94 11.47 -0.13
C ALA B 214 3.72 12.76 -0.30
N ALA B 215 4.41 13.21 0.76
CA ALA B 215 5.21 14.43 0.67
C ALA B 215 6.26 14.31 -0.43
N ALA B 216 6.99 13.19 -0.46
CA ALA B 216 8.01 12.99 -1.48
C ALA B 216 7.41 12.99 -2.89
N TYR B 217 6.30 12.27 -3.08
CA TYR B 217 5.60 12.27 -4.37
C TYR B 217 5.30 13.68 -4.83
N PHE B 218 4.62 14.45 -3.99
CA PHE B 218 4.30 15.83 -4.36
C PHE B 218 5.55 16.64 -4.67
N ARG B 219 6.65 16.40 -3.94
CA ARG B 219 7.90 17.08 -4.21
C ARG B 219 8.38 16.79 -5.63
N GLY B 220 8.42 15.50 -6.01
CA GLY B 220 8.80 15.16 -7.37
C GLY B 220 7.90 15.82 -8.41
N MET B 221 6.60 15.90 -8.12
CA MET B 221 5.69 16.57 -9.04
C MET B 221 6.06 18.03 -9.24
N VAL B 222 6.43 18.70 -8.14
CA VAL B 222 6.92 20.08 -8.29
C VAL B 222 8.18 20.09 -9.15
N GLY B 223 9.06 19.13 -8.93
CA GLY B 223 10.29 19.07 -9.72
C GLY B 223 10.03 18.98 -11.21
N ARG B 224 9.07 18.16 -11.62
CA ARG B 224 8.81 17.99 -13.04
C ARG B 224 7.84 19.03 -13.58
N THR B 225 6.58 19.00 -13.12
CA THR B 225 5.57 19.89 -13.67
C THR B 225 5.93 21.37 -13.48
N GLY B 226 6.65 21.70 -12.41
CA GLY B 226 7.01 23.09 -12.17
C GLY B 226 5.91 23.89 -11.52
N ASN B 227 4.92 23.22 -10.97
CA ASN B 227 3.76 23.82 -10.33
C ASN B 227 4.02 23.88 -8.83
N GLN B 228 3.61 24.98 -8.18
CA GLN B 228 3.92 25.14 -6.77
C GLN B 228 2.76 24.69 -5.88
N ALA B 229 1.59 24.46 -6.47
CA ALA B 229 0.44 23.96 -5.72
C ALA B 229 0.73 22.61 -5.09
N TYR B 230 1.39 21.73 -5.86
CA TYR B 230 1.82 20.45 -5.33
C TYR B 230 2.92 20.62 -4.29
N ALA B 231 3.65 21.73 -4.31
CA ALA B 231 4.54 22.04 -3.20
C ALA B 231 3.74 22.37 -1.95
N LEU B 232 2.59 23.02 -2.12
CA LEU B 232 1.67 23.19 -1.00
C LEU B 232 1.17 21.84 -0.47
N TYR B 233 0.80 20.93 -1.37
CA TYR B 233 0.42 19.58 -0.94
C TYR B 233 1.55 18.89 -0.18
N ALA B 234 2.78 19.04 -0.67
CA ALA B 234 3.94 18.44 0.01
C ALA B 234 4.10 19.00 1.41
N LEU B 235 3.97 20.32 1.57
CA LEU B 235 4.03 20.91 2.90
C LEU B 235 2.93 20.37 3.80
N LEU B 236 1.73 20.14 3.25
CA LEU B 236 0.65 19.58 4.04
C LEU B 236 1.04 18.20 4.55
N ALA B 237 1.47 17.32 3.64
CA ALA B 237 1.82 15.96 4.03
C ALA B 237 2.97 15.95 5.04
N GLU B 238 3.93 16.87 4.88
CA GLU B 238 5.04 16.91 5.81
C GLU B 238 4.60 17.38 7.18
N MET B 239 3.68 18.36 7.23
CA MET B 239 3.12 18.78 8.50
C MET B 239 2.46 17.61 9.22
N TYR B 240 1.66 16.81 8.49
CA TYR B 240 1.01 15.68 9.15
C TYR B 240 2.00 14.59 9.54
N ARG B 241 3.06 14.39 8.75
CA ARG B 241 4.07 13.39 9.10
C ARG B 241 4.80 13.78 10.39
N ALA B 242 5.26 15.04 10.47
CA ALA B 242 5.92 15.51 11.69
C ALA B 242 4.97 15.46 12.88
N TRP B 243 3.71 15.86 12.68
CA TRP B 243 2.70 15.76 13.74
C TRP B 243 2.60 14.32 14.26
N ARG B 244 2.48 13.35 13.35
CA ARG B 244 2.33 11.96 13.77
C ARG B 244 3.55 11.47 14.52
N ALA B 245 4.74 11.91 14.10
CA ALA B 245 5.98 11.56 14.77
C ALA B 245 6.18 12.32 16.09
N LEU B 246 5.23 13.16 16.49
CA LEU B 246 5.32 13.92 17.75
C LEU B 246 6.47 14.92 17.71
N ASP B 247 6.87 15.35 16.50
CA ASP B 247 7.85 16.43 16.32
C ASP B 247 7.07 17.70 16.05
N PHE B 248 6.59 18.32 17.13
CA PHE B 248 5.68 19.45 16.97
C PHE B 248 6.38 20.69 16.41
N GLY B 249 7.69 20.80 16.54
CA GLY B 249 8.39 21.94 15.99
C GLY B 249 8.36 21.96 14.47
N GLU B 250 8.69 20.82 13.85
CA GLU B 250 8.67 20.75 12.39
C GLU B 250 7.24 20.83 11.85
N ALA B 251 6.28 20.22 12.55
CA ALA B 251 4.89 20.32 12.12
C ALA B 251 4.42 21.78 12.15
N LEU B 252 4.74 22.48 13.23
CA LEU B 252 4.39 23.90 13.31
C LEU B 252 5.08 24.69 12.20
N LYS B 253 6.33 24.35 11.90
CA LYS B 253 7.04 25.01 10.80
C LYS B 253 6.29 24.87 9.49
N ALA B 254 6.06 23.62 9.05
CA ALA B 254 5.42 23.39 7.76
C ALA B 254 4.01 23.97 7.71
N GLY B 255 3.25 23.82 8.80
CA GLY B 255 1.92 24.41 8.85
C GLY B 255 1.95 25.92 8.71
N ARG B 256 2.89 26.58 9.39
CA ARG B 256 3.04 28.03 9.29
C ARG B 256 3.28 28.44 7.86
N LYS B 257 4.33 27.89 7.24
CA LYS B 257 4.64 28.22 5.85
C LYS B 257 3.44 28.02 4.92
N LEU B 258 2.81 26.85 5.01
CA LEU B 258 1.65 26.57 4.15
C LEU B 258 0.56 27.61 4.37
N LEU B 259 0.29 27.96 5.62
CA LEU B 259 -0.74 28.95 5.92
C LEU B 259 -0.39 30.30 5.29
N GLY B 260 0.88 30.70 5.38
CA GLY B 260 1.30 31.92 4.72
C GLY B 260 1.09 31.87 3.22
N GLN B 261 1.28 30.70 2.61
CA GLN B 261 1.02 30.56 1.17
C GLN B 261 -0.46 30.72 0.86
N LEU B 262 -1.32 29.95 1.55
CA LEU B 262 -2.76 30.06 1.33
C LEU B 262 -3.27 31.47 1.58
N SER B 263 -2.55 32.27 2.37
CA SER B 263 -2.85 33.68 2.50
C SER B 263 -2.56 34.44 1.21
N GLN B 264 -1.44 34.11 0.54
CA GLN B 264 -1.08 34.80 -0.70
C GLN B 264 -2.19 34.69 -1.74
N ASN B 265 -2.25 35.71 -2.60
CA ASN B 265 -3.31 35.84 -3.59
C ASN B 265 -3.12 34.88 -4.77
N VAL B 266 -1.88 34.48 -5.04
CA VAL B 266 -1.62 33.61 -6.17
C VAL B 266 -2.37 32.29 -6.03
N TRP B 267 -2.69 31.90 -4.80
CA TRP B 267 -3.28 30.60 -4.51
C TRP B 267 -4.73 30.67 -4.07
N LEU B 268 -5.40 31.83 -4.21
CA LEU B 268 -6.73 32.00 -3.65
C LEU B 268 -7.72 30.92 -4.09
N ASN B 269 -7.46 30.25 -5.22
CA ASN B 269 -8.33 29.20 -5.72
C ASN B 269 -7.77 27.80 -5.47
N HIS B 270 -6.64 27.69 -4.78
CA HIS B 270 -6.08 26.38 -4.45
C HIS B 270 -7.10 25.56 -3.66
N PRO B 271 -7.23 24.26 -3.96
CA PRO B 271 -8.23 23.44 -3.24
C PRO B 271 -8.05 23.45 -1.73
N LEU B 272 -6.82 23.62 -1.23
CA LEU B 272 -6.58 23.60 0.21
C LEU B 272 -7.28 24.78 0.90
N ASN B 273 -7.38 25.92 0.23
CA ASN B 273 -8.10 27.04 0.82
C ASN B 273 -9.56 26.69 1.09
N ALA B 274 -10.13 25.76 0.31
CA ALA B 274 -11.50 25.31 0.54
C ALA B 274 -11.70 24.70 1.91
N ARG B 275 -10.62 24.52 2.68
CA ARG B 275 -10.73 23.95 4.02
C ARG B 275 -9.97 24.79 5.03
N ARG B 276 -9.69 26.05 4.68
CA ARG B 276 -8.78 26.89 5.47
C ARG B 276 -9.20 26.99 6.93
N GLU B 277 -10.50 27.20 7.16
CA GLU B 277 -11.01 27.32 8.53
C GLU B 277 -10.60 26.12 9.39
N ALA B 278 -10.64 24.91 8.82
CA ALA B 278 -10.11 23.76 9.53
C ALA B 278 -8.59 23.87 9.69
N LEU B 279 -7.89 24.07 8.56
CA LEU B 279 -6.43 24.11 8.55
C LEU B 279 -5.87 25.02 9.63
N GLU B 280 -6.23 26.31 9.57
CA GLU B 280 -5.78 27.27 10.56
C GLU B 280 -5.89 26.72 11.96
N ALA B 281 -7.08 26.21 12.31
CA ALA B 281 -7.30 25.68 13.66
C ALA B 281 -6.20 24.69 14.04
N GLN B 282 -5.96 23.70 13.17
CA GLN B 282 -4.96 22.68 13.45
C GLN B 282 -3.59 23.30 13.70
N VAL B 283 -3.19 24.25 12.86
CA VAL B 283 -1.90 24.90 13.03
C VAL B 283 -1.85 25.63 14.37
N ALA B 284 -2.95 26.32 14.72
CA ALA B 284 -3.02 26.95 16.03
C ALA B 284 -2.77 25.92 17.10
N LEU B 285 -3.41 24.75 16.95
CA LEU B 285 -3.19 23.65 17.87
C LEU B 285 -1.70 23.37 18.02
N LEU B 286 -1.00 23.18 16.89
CA LEU B 286 0.43 22.92 16.93
C LEU B 286 1.15 24.02 17.71
N GLU B 287 0.82 25.28 17.41
CA GLU B 287 1.42 26.40 18.13
C GLU B 287 1.28 26.21 19.63
N ALA B 288 0.03 25.99 20.09
CA ALA B 288 -0.21 25.77 21.51
C ALA B 288 0.72 24.69 22.05
N VAL B 289 0.77 23.54 21.36
CA VAL B 289 1.57 22.42 21.85
C VAL B 289 3.02 22.83 21.98
N ASP B 290 3.53 23.51 20.95
CA ASP B 290 4.92 23.95 20.99
C ASP B 290 5.18 24.79 22.23
N ARG B 291 4.32 25.78 22.48
CA ARG B 291 4.42 26.58 23.69
C ARG B 291 4.56 25.67 24.90
N PHE B 292 3.57 24.78 25.08
CA PHE B 292 3.57 23.90 26.24
C PHE B 292 4.90 23.16 26.36
N LEU B 293 5.35 22.57 25.24
CA LEU B 293 6.55 21.73 25.30
C LEU B 293 7.77 22.52 25.72
N LYS B 294 7.82 23.81 25.36
CA LYS B 294 8.95 24.64 25.77
C LYS B 294 8.85 25.07 27.22
N ALA B 295 7.63 25.33 27.72
CA ALA B 295 7.48 25.87 29.06
C ALA B 295 7.30 24.80 30.13
N ARG B 296 6.90 23.58 29.74
CA ARG B 296 6.61 22.52 30.70
C ARG B 296 5.67 23.01 31.80
N ASP B 297 4.76 23.90 31.40
CA ASP B 297 3.89 24.63 32.31
C ASP B 297 2.46 24.19 32.03
N PHE B 298 1.85 23.51 33.00
CA PHE B 298 0.50 22.99 32.82
C PHE B 298 -0.57 24.07 32.86
N ALA B 299 -0.21 25.35 32.93
CA ALA B 299 -1.23 26.38 32.84
C ALA B 299 -1.73 26.52 31.41
N LEU B 300 -0.92 26.11 30.43
CA LEU B 300 -1.24 26.29 29.01
C LEU B 300 -2.17 25.16 28.59
N LYS B 301 -3.47 25.37 28.84
CA LYS B 301 -4.43 24.30 28.67
C LYS B 301 -4.54 23.82 27.23
N GLU B 302 -4.42 24.74 26.27
CA GLU B 302 -4.57 24.38 24.86
C GLU B 302 -3.49 23.40 24.43
N GLY B 303 -2.23 23.67 24.77
CA GLY B 303 -1.15 22.76 24.41
C GLY B 303 -1.28 21.41 25.08
N VAL B 304 -1.73 21.40 26.33
CA VAL B 304 -2.01 20.14 27.01
C VAL B 304 -3.05 19.33 26.24
N TYR B 305 -4.13 20.00 25.82
CA TYR B 305 -5.20 19.31 25.08
C TYR B 305 -4.67 18.76 23.77
N GLY B 306 -3.83 19.54 23.07
CA GLY B 306 -3.31 19.07 21.80
C GLY B 306 -2.38 17.89 21.94
N LEU B 307 -1.51 17.92 22.95
CA LEU B 307 -0.60 16.81 23.18
C LEU B 307 -1.38 15.54 23.57
N ALA B 308 -2.28 15.65 24.55
CA ALA B 308 -3.07 14.50 24.96
C ALA B 308 -3.91 13.95 23.82
N ARG B 309 -4.48 14.83 22.98
CA ARG B 309 -5.31 14.33 21.89
C ARG B 309 -4.46 13.62 20.83
N THR B 310 -3.30 14.17 20.50
CA THR B 310 -2.41 13.47 19.57
C THR B 310 -2.04 12.09 20.11
N LEU B 311 -1.62 12.02 21.38
CA LEU B 311 -1.25 10.74 21.96
C LEU B 311 -2.42 9.76 21.96
N LEU B 312 -3.65 10.23 22.16
CA LEU B 312 -4.80 9.33 22.16
C LEU B 312 -5.16 8.86 20.75
N HIS B 313 -5.02 9.72 19.75
CA HIS B 313 -5.21 9.30 18.37
C HIS B 313 -4.19 8.23 17.99
N LEU B 314 -2.92 8.46 18.35
CA LEU B 314 -1.89 7.46 18.11
C LEU B 314 -2.21 6.15 18.82
N ALA B 315 -2.70 6.21 20.07
CA ALA B 315 -3.07 4.99 20.78
C ALA B 315 -4.17 4.23 20.06
N GLN B 316 -5.21 4.95 19.60
CA GLN B 316 -6.30 4.30 18.87
C GLN B 316 -5.80 3.65 17.59
N GLU B 317 -4.92 4.32 16.84
CA GLU B 317 -4.49 3.73 15.58
C GLU B 317 -3.54 2.55 15.78
N ALA B 318 -3.01 2.38 16.99
CA ALA B 318 -2.11 1.29 17.32
C ALA B 318 -2.77 0.20 18.16
N LYS B 319 -4.07 0.33 18.44
CA LYS B 319 -4.74 -0.58 19.37
C LYS B 319 -4.78 -2.00 18.84
N GLU B 320 -5.06 -2.18 17.55
CA GLU B 320 -5.26 -3.52 17.01
C GLU B 320 -3.95 -4.26 16.82
N GLU B 321 -2.98 -3.63 16.14
CA GLU B 321 -1.76 -4.30 15.73
C GLU B 321 -0.57 -4.03 16.64
N ALA B 322 -0.48 -2.85 17.26
CA ALA B 322 0.68 -2.55 18.09
C ALA B 322 0.25 -2.28 19.52
N ALA B 323 -0.27 -3.30 20.21
CA ALA B 323 -0.90 -3.07 21.50
C ALA B 323 0.10 -2.57 22.55
N VAL B 324 1.36 -3.03 22.51
CA VAL B 324 2.37 -2.55 23.46
C VAL B 324 2.59 -1.05 23.27
N LEU B 325 2.81 -0.65 22.02
CA LEU B 325 3.00 0.76 21.70
C LEU B 325 1.77 1.58 22.07
N ALA B 326 0.58 1.05 21.76
CA ALA B 326 -0.65 1.75 22.09
C ALA B 326 -0.78 1.95 23.60
N ALA B 327 -0.41 0.94 24.39
CA ALA B 327 -0.44 1.08 25.84
C ALA B 327 0.46 2.21 26.29
N LEU B 328 1.67 2.28 25.71
CA LEU B 328 2.57 3.38 26.07
C LEU B 328 1.94 4.75 25.77
N TYR B 329 1.41 4.92 24.56
CA TYR B 329 0.75 6.19 24.19
C TYR B 329 -0.36 6.55 25.16
N ALA B 330 -1.28 5.61 25.42
CA ALA B 330 -2.41 5.90 26.28
C ALA B 330 -1.97 6.24 27.69
N TYR B 331 -0.95 5.53 28.21
CA TYR B 331 -0.41 5.87 29.52
C TYR B 331 0.09 7.31 29.56
N ARG B 332 0.83 7.74 28.53
CA ARG B 332 1.35 9.10 28.56
C ARG B 332 0.22 10.13 28.51
N ALA B 333 -0.78 9.89 27.67
CA ALA B 333 -1.93 10.80 27.60
C ALA B 333 -2.63 10.90 28.95
N LEU B 334 -2.96 9.74 29.55
CA LEU B 334 -3.67 9.77 30.84
C LEU B 334 -2.84 10.47 31.90
N GLU B 335 -1.53 10.22 31.93
CA GLU B 335 -0.67 10.90 32.89
C GLU B 335 -0.71 12.42 32.71
N LEU B 336 -0.61 12.90 31.47
CA LEU B 336 -0.67 14.34 31.24
C LEU B 336 -2.01 14.93 31.69
N LEU B 337 -3.11 14.22 31.42
CA LEU B 337 -4.42 14.72 31.81
C LEU B 337 -4.57 14.77 33.33
N LEU B 338 -4.11 13.74 34.04
CA LEU B 338 -4.17 13.79 35.49
C LEU B 338 -3.28 14.88 36.06
N GLN B 339 -2.12 15.11 35.43
CA GLN B 339 -1.23 16.17 35.89
C GLN B 339 -1.87 17.54 35.72
N GLU B 340 -2.64 17.73 34.65
CA GLU B 340 -3.36 18.98 34.47
C GLU B 340 -4.45 19.13 35.54
N ARG B 341 -5.22 18.06 35.78
CA ARG B 341 -6.16 18.09 36.89
C ARG B 341 -5.48 18.48 38.19
N LEU B 342 -4.24 18.01 38.40
CA LEU B 342 -3.51 18.40 39.60
C LEU B 342 -3.14 19.88 39.56
N ALA B 343 -2.77 20.40 38.38
CA ALA B 343 -2.45 21.81 38.25
C ALA B 343 -3.63 22.71 38.59
N LEU B 344 -4.86 22.23 38.41
CA LEU B 344 -6.02 23.00 38.88
C LEU B 344 -5.90 23.35 40.36
N LEU B 345 -5.44 22.40 41.18
CA LEU B 345 -5.28 22.65 42.61
C LEU B 345 -3.93 23.28 42.94
N GLY B 346 -3.19 23.77 41.95
CA GLY B 346 -1.91 24.41 42.18
C GLY B 346 -0.86 23.51 42.80
N ARG B 347 -0.80 22.24 42.40
CA ARG B 347 0.19 21.30 42.91
C ARG B 347 0.89 20.62 41.74
N ARG B 348 1.93 19.84 42.06
CA ARG B 348 2.78 19.25 41.02
C ARG B 348 3.23 17.86 41.40
N ALA B 349 3.40 17.01 40.39
CA ALA B 349 3.95 15.65 40.52
C ALA B 349 3.35 14.88 41.69
N PRO B 352 5.06 16.04 45.54
CA PRO B 352 5.82 16.68 46.62
C PRO B 352 5.02 17.74 47.35
N GLY B 353 3.72 17.80 47.06
CA GLY B 353 2.85 18.72 47.75
C GLY B 353 2.07 18.04 48.85
N LEU B 354 2.74 17.24 49.67
CA LEU B 354 2.06 16.36 50.62
C LEU B 354 2.24 16.83 52.05
N SER B 355 1.19 16.63 52.84
CA SER B 355 1.11 16.84 54.28
C SER B 355 0.61 15.55 54.93
N PRO B 356 1.05 15.25 56.16
CA PRO B 356 0.82 13.91 56.72
C PRO B 356 -0.64 13.50 56.81
N GLU B 357 -1.54 14.37 57.27
CA GLU B 357 -2.95 14.02 57.29
C GLU B 357 -3.44 13.62 55.90
N GLU B 358 -2.95 14.30 54.86
CA GLU B 358 -3.31 13.95 53.49
C GLU B 358 -2.76 12.59 53.09
N ALA B 359 -1.46 12.37 53.31
CA ALA B 359 -0.84 11.12 52.92
C ALA B 359 -1.53 9.93 53.59
N GLU B 360 -1.84 10.06 54.88
CA GLU B 360 -2.53 8.99 55.58
C GLU B 360 -3.96 8.82 55.04
N ALA B 361 -4.67 9.93 54.84
CA ALA B 361 -6.01 9.84 54.27
C ALA B 361 -6.00 9.12 52.93
N LEU B 362 -4.97 9.38 52.11
CA LEU B 362 -4.84 8.70 50.83
C LEU B 362 -4.51 7.23 51.00
N ARG B 363 -3.71 6.89 52.02
CA ARG B 363 -3.48 5.48 52.32
C ARG B 363 -4.79 4.76 52.61
N LYS B 364 -5.67 5.40 53.39
CA LYS B 364 -6.94 4.77 53.73
C LYS B 364 -7.86 4.70 52.52
N ALA B 365 -7.85 5.74 51.69
CA ALA B 365 -8.69 5.74 50.49
C ALA B 365 -8.26 4.64 49.51
N LEU B 366 -6.97 4.62 49.16
CA LEU B 366 -6.44 3.59 48.26
C LEU B 366 -6.70 2.20 48.81
N ALA B 367 -6.40 2.00 50.10
CA ALA B 367 -6.57 0.68 50.69
C ALA B 367 -8.03 0.24 50.68
N GLU B 368 -8.95 1.17 50.93
CA GLU B 368 -10.38 0.90 50.81
C GLU B 368 -10.74 0.50 49.38
N LEU B 369 -10.13 1.18 48.41
CA LEU B 369 -10.38 0.86 47.00
C LEU B 369 -9.96 -0.57 46.69
N LEU B 370 -8.68 -0.89 46.89
CA LEU B 370 -8.15 -2.23 46.60
C LEU B 370 -8.56 -3.27 47.65
N PRO B 374 -7.36 -3.28 52.48
CA PRO B 374 -6.19 -3.66 53.30
C PRO B 374 -5.31 -2.45 53.60
N GLU B 375 -5.39 -1.93 54.83
CA GLU B 375 -5.02 -0.54 55.12
C GLU B 375 -3.63 -0.45 55.76
N GLU B 376 -2.63 -0.88 54.99
CA GLU B 376 -1.22 -0.77 55.36
C GLU B 376 -0.37 -0.55 54.12
N VAL B 377 -0.99 -0.04 53.06
CA VAL B 377 -0.31 0.14 51.77
C VAL B 377 0.76 1.21 51.88
N ARG B 378 1.77 1.07 51.03
CA ARG B 378 2.83 2.06 50.92
C ARG B 378 2.53 3.02 49.78
N LEU B 379 2.74 4.30 50.02
CA LEU B 379 2.64 5.28 48.96
C LEU B 379 4.06 5.76 48.63
N PRO B 380 4.48 5.66 47.37
CA PRO B 380 5.79 6.18 46.98
C PRO B 380 5.89 7.68 47.24
N ALA B 381 7.12 8.18 47.10
CA ALA B 381 7.39 9.60 47.23
C ALA B 381 6.62 10.40 46.18
N LYS B 382 6.83 10.06 44.92
CA LYS B 382 6.08 10.62 43.81
C LYS B 382 4.89 9.74 43.50
N LEU B 383 3.72 10.36 43.35
CA LEU B 383 2.49 9.60 43.15
C LEU B 383 2.48 8.92 41.78
N GLY B 384 1.98 7.68 41.75
CA GLY B 384 1.71 7.00 40.50
C GLY B 384 0.32 7.30 39.99
N LEU B 385 -0.01 6.67 38.86
CA LEU B 385 -1.31 6.92 38.20
C LEU B 385 -2.47 6.68 39.15
N LEU B 386 -2.55 5.48 39.73
CA LEU B 386 -3.65 5.19 40.66
C LEU B 386 -3.57 6.09 41.89
N ASP B 387 -2.35 6.32 42.40
CA ASP B 387 -2.17 7.21 43.54
C ASP B 387 -2.66 8.62 43.22
N LEU B 388 -2.28 9.14 42.04
CA LEU B 388 -2.71 10.47 41.64
C LEU B 388 -4.22 10.56 41.50
N LEU B 389 -4.83 9.53 40.91
CA LEU B 389 -6.29 9.54 40.73
C LEU B 389 -7.02 9.56 42.07
N ALA B 390 -6.63 8.63 42.96
CA ALA B 390 -7.28 8.56 44.27
C ALA B 390 -7.04 9.84 45.07
N PHE B 391 -5.85 10.43 44.94
CA PHE B 391 -5.56 11.70 45.61
C PHE B 391 -6.47 12.81 45.09
N LEU B 392 -6.71 12.83 43.78
CA LEU B 392 -7.57 13.85 43.20
C LEU B 392 -9.03 13.65 43.62
N ARG B 393 -9.44 12.40 43.89
CA ARG B 393 -10.74 12.21 44.51
C ARG B 393 -10.75 12.71 45.95
N LEU B 394 -9.67 12.45 46.69
CA LEU B 394 -9.52 12.97 48.05
C LEU B 394 -9.53 14.49 48.10
N LYS B 395 -9.46 15.17 46.95
CA LYS B 395 -9.58 16.62 46.88
C LYS B 395 -10.84 17.04 46.16
N GLY B 396 -11.78 16.12 45.97
CA GLY B 396 -13.07 16.44 45.41
C GLY B 396 -13.00 17.01 44.00
N ASP B 397 -11.97 16.65 43.25
CA ASP B 397 -11.94 16.99 41.84
C ASP B 397 -13.18 16.46 41.16
N GLU B 398 -13.76 17.26 40.28
CA GLU B 398 -15.09 16.96 39.78
C GLU B 398 -15.11 15.77 38.83
N ALA B 399 -14.42 15.89 37.69
CA ALA B 399 -14.51 14.87 36.65
C ALA B 399 -14.16 13.47 37.16
N LEU B 400 -13.10 13.35 37.95
CA LEU B 400 -12.71 12.05 38.47
C LEU B 400 -13.68 11.56 39.54
N GLY B 401 -14.20 12.49 40.35
CA GLY B 401 -15.11 12.14 41.43
C GLY B 401 -16.37 11.41 41.02
N ARG B 402 -16.77 11.52 39.74
CA ARG B 402 -17.97 10.85 39.24
C ARG B 402 -17.67 9.50 38.58
N LEU B 403 -16.67 8.80 39.11
CA LEU B 403 -16.40 7.40 38.75
C LEU B 403 -17.03 6.47 39.77
N SER B 404 -17.67 5.41 39.30
CA SER B 404 -18.15 4.35 40.17
C SER B 404 -16.98 3.58 40.78
N LEU B 405 -17.04 3.34 42.09
CA LEU B 405 -15.98 2.59 42.77
C LEU B 405 -15.71 1.25 42.09
N ALA B 406 -16.72 0.68 41.45
CA ALA B 406 -16.53 -0.59 40.74
C ALA B 406 -15.54 -0.43 39.59
N GLU B 407 -15.76 0.57 38.72
CA GLU B 407 -14.86 0.80 37.59
C GLU B 407 -13.48 1.25 38.03
N LEU B 408 -13.37 1.91 39.18
CA LEU B 408 -12.06 2.25 39.68
C LEU B 408 -11.34 1.01 40.16
N ARG B 409 -12.08 0.04 40.72
CA ARG B 409 -11.49 -1.25 41.03
C ARG B 409 -11.07 -1.99 39.75
N GLY B 410 -11.86 -1.86 38.69
CA GLY B 410 -11.54 -2.55 37.45
C GLY B 410 -10.39 -1.90 36.69
N LEU B 411 -10.21 -0.61 36.89
CA LEU B 411 -9.09 0.13 36.31
C LEU B 411 -7.83 0.05 37.16
N ALA B 412 -7.95 -0.30 38.44
CA ALA B 412 -6.82 -0.21 39.36
C ALA B 412 -5.62 -1.04 38.88
N GLY B 413 -5.88 -2.25 38.41
CA GLY B 413 -4.81 -3.10 37.92
C GLY B 413 -4.03 -2.46 36.78
N ALA B 414 -4.75 -2.00 35.76
CA ALA B 414 -4.09 -1.37 34.63
C ALA B 414 -3.44 -0.05 35.02
N LEU B 415 -3.99 0.63 36.03
CA LEU B 415 -3.42 1.88 36.50
C LEU B 415 -2.15 1.69 37.31
N LYS B 416 -1.97 0.50 37.91
CA LYS B 416 -0.72 0.21 38.61
C LYS B 416 0.44 -0.07 37.68
N GLY B 417 0.16 -0.48 36.44
CA GLY B 417 1.21 -0.91 35.54
C GLY B 417 1.82 0.19 34.69
N ARG B 418 1.79 1.42 35.19
CA ARG B 418 2.23 2.56 34.39
C ARG B 418 3.70 2.44 34.00
N ASN B 419 4.58 2.25 34.98
CA ASN B 419 5.98 1.98 34.68
C ASN B 419 6.27 0.48 34.54
N SER B 420 5.26 -0.37 34.74
CA SER B 420 5.48 -1.81 34.63
C SER B 420 5.41 -2.33 33.18
N ALA B 421 5.01 -1.50 32.23
CA ALA B 421 4.84 -1.96 30.86
C ALA B 421 6.19 -2.25 30.21
N LEU B 422 6.16 -3.12 29.19
CA LEU B 422 7.39 -3.56 28.53
C LEU B 422 8.20 -2.39 28.00
N LEU B 423 7.53 -1.35 27.49
CA LEU B 423 8.20 -0.27 26.80
C LEU B 423 8.63 0.87 27.72
N VAL B 424 8.47 0.73 29.04
CA VAL B 424 8.91 1.77 29.96
C VAL B 424 9.94 1.20 30.95
N HIS B 425 9.51 0.41 31.93
CA HIS B 425 10.43 -0.15 32.92
C HIS B 425 10.25 -1.64 33.19
N GLY B 426 9.27 -2.29 32.61
CA GLY B 426 8.90 -3.65 33.00
C GLY B 426 8.85 -4.58 31.80
N PHE B 427 7.94 -5.54 31.89
CA PHE B 427 7.84 -6.58 30.87
C PHE B 427 6.42 -6.99 30.53
N ASP B 428 5.39 -6.29 31.02
CA ASP B 428 4.02 -6.73 30.79
C ASP B 428 3.60 -6.53 29.33
N VAL B 429 2.85 -7.48 28.79
CA VAL B 429 2.07 -7.24 27.58
C VAL B 429 0.68 -6.81 28.04
N PRO B 430 0.08 -5.81 27.42
CA PRO B 430 -1.21 -5.31 27.90
C PRO B 430 -2.35 -6.23 27.50
N SER B 431 -3.33 -6.34 28.39
CA SER B 431 -4.62 -6.87 27.98
C SER B 431 -5.37 -5.79 27.22
N PRO B 432 -6.04 -6.13 26.12
CA PRO B 432 -6.75 -5.09 25.35
C PRO B 432 -7.80 -4.35 26.16
N LYS B 433 -8.39 -5.00 27.18
CA LYS B 433 -9.34 -4.32 28.06
C LYS B 433 -8.64 -3.26 28.91
N ALA B 434 -7.37 -3.49 29.25
CA ALA B 434 -6.63 -2.52 30.06
C ALA B 434 -6.34 -1.25 29.28
N VAL B 435 -5.74 -1.41 28.09
CA VAL B 435 -5.53 -0.27 27.19
C VAL B 435 -6.85 0.43 26.90
N GLU B 436 -7.90 -0.35 26.69
CA GLU B 436 -9.20 0.23 26.37
C GLU B 436 -9.72 1.08 27.53
N GLY B 437 -9.64 0.56 28.75
CA GLY B 437 -10.14 1.30 29.90
C GLY B 437 -9.34 2.55 30.19
N ILE B 438 -8.01 2.47 30.02
CA ILE B 438 -7.17 3.65 30.22
C ILE B 438 -7.47 4.69 29.14
N ALA B 439 -7.70 4.24 27.90
CA ALA B 439 -8.03 5.16 26.83
C ALA B 439 -9.41 5.81 27.03
N ARG B 440 -10.35 5.09 27.64
CA ARG B 440 -11.67 5.68 27.93
C ARG B 440 -11.56 6.72 29.04
N LEU B 441 -10.88 6.37 30.14
CA LEU B 441 -10.65 7.33 31.20
C LEU B 441 -10.00 8.61 30.66
N ALA B 442 -8.88 8.44 29.94
CA ALA B 442 -8.22 9.57 29.31
C ALA B 442 -9.15 10.33 28.37
N GLN B 443 -10.06 9.62 27.70
CA GLN B 443 -11.00 10.29 26.80
C GLN B 443 -11.92 11.22 27.57
N GLY B 444 -12.56 10.72 28.63
CA GLY B 444 -13.41 11.58 29.45
C GLY B 444 -12.68 12.81 29.94
N LEU B 445 -11.47 12.62 30.50
CA LEU B 445 -10.70 13.78 30.92
C LEU B 445 -10.44 14.74 29.76
N LEU B 446 -10.21 14.19 28.57
CA LEU B 446 -9.94 15.03 27.40
C LEU B 446 -11.15 15.87 27.02
N GLN B 447 -12.36 15.31 27.12
CA GLN B 447 -13.56 16.12 26.85
C GLN B 447 -13.70 17.24 27.87
N ASP B 448 -13.54 16.90 29.15
CA ASP B 448 -13.57 17.95 30.19
C ASP B 448 -12.61 19.07 29.85
N LEU B 449 -11.36 18.74 29.51
CA LEU B 449 -10.39 19.77 29.14
C LEU B 449 -10.80 20.50 27.87
N GLU B 450 -11.52 19.82 26.97
CA GLU B 450 -11.96 20.46 25.73
C GLU B 450 -12.93 21.61 26.02
N ALA B 451 -13.76 21.45 27.05
CA ALA B 451 -14.63 22.56 27.44
C ALA B 451 -13.82 23.79 27.86
N ARG B 452 -12.68 23.57 28.54
CA ARG B 452 -11.91 24.64 29.16
C ARG B 452 -10.82 25.20 28.25
N THR B 453 -10.90 24.96 26.95
CA THR B 453 -9.99 25.52 25.97
C THR B 453 -10.79 26.19 24.87
N ALA B 454 -10.08 26.96 24.03
CA ALA B 454 -10.67 27.53 22.82
C ALA B 454 -9.71 27.22 21.69
N LEU B 455 -9.89 26.07 21.06
CA LEU B 455 -8.97 25.64 20.01
C LEU B 455 -9.54 25.79 18.61
N GLY B 456 -10.80 26.22 18.49
CA GLY B 456 -11.35 26.62 17.22
C GLY B 456 -12.17 25.53 16.58
N PRO B 457 -12.39 25.63 15.26
CA PRO B 457 -13.08 24.55 14.54
C PRO B 457 -12.45 23.19 14.80
N LEU B 458 -11.12 23.11 14.80
CA LEU B 458 -10.37 21.89 15.07
C LEU B 458 -11.01 20.67 14.42
N SER B 459 -11.03 20.60 13.11
CA SER B 459 -11.40 19.35 12.46
C SER B 459 -10.43 18.27 12.93
N PRO B 460 -10.92 17.12 13.36
CA PRO B 460 -9.98 16.08 13.81
C PRO B 460 -9.03 15.34 12.87
N GLU B 461 -9.54 14.75 11.80
CA GLU B 461 -8.71 13.97 10.88
C GLU B 461 -7.97 14.92 9.94
N PRO B 462 -6.95 14.44 9.21
CA PRO B 462 -6.28 15.32 8.24
C PRO B 462 -7.27 15.89 7.23
N VAL B 463 -7.01 17.14 6.82
CA VAL B 463 -7.91 17.81 5.88
C VAL B 463 -7.90 17.05 4.56
N PRO B 464 -9.04 16.88 3.88
CA PRO B 464 -9.02 16.28 2.54
C PRO B 464 -8.22 17.14 1.57
N LEU B 465 -7.52 16.46 0.64
CA LEU B 465 -6.65 17.18 -0.29
C LEU B 465 -7.44 18.16 -1.16
N GLY B 466 -8.70 17.87 -1.44
CA GLY B 466 -9.49 18.77 -2.24
C GLY B 466 -9.44 18.51 -3.72
N PHE B 467 -8.75 17.45 -4.16
CA PHE B 467 -8.91 16.97 -5.54
C PHE B 467 -9.18 15.46 -5.58
NI NI C . -45.12 -9.89 -34.72
NI NI D . 9.78 5.79 34.53
NI NI E . -6.82 -9.89 -4.63
NI NI F . 13.87 -4.90 9.35
NI NI G . 3.56 1.25 6.49
NI NI H . -6.69 8.76 12.43
#